data_1QDM
#
_entry.id   1QDM
#
_cell.length_a   66.0
_cell.length_b   160.9
_cell.length_c   81.4
_cell.angle_alpha   90.0
_cell.angle_beta   109.6
_cell.angle_gamma   90.0
#
_symmetry.space_group_name_H-M   'P 1 21 1'
#
_entity_poly.entity_id   1
_entity_poly.type   'polypeptide(L)'
_entity_poly.pdbx_seq_one_letter_code
;VRIALKKRPIDRNSRVATGLSGGEEQPLLSGANPLRSEEEGDIVALKNYMNAQYFGEIGVGTPPQKFTVIFDTGSSNLWV
PSAKCYFSIACYLHSRYKAGASSTYKKNGKPAAIQYGTGSIAGYFSEDSVTVGDLVVKDQEFIEATKEPGITFLVAKFDG
ILGLGFKEISVGKAVPVWYKMIEQGLVSDPVFSFWLNRHVDEGEGGEIIFGGMDPKHYVGEHTYVPVTQKGYWQFDMGDV
LVGGKSTGFCAGGCAAIADSGTSLLAGPTAIITEINEKIGAAGVVSQECKTIVSQYGQQILDLLLAETQPKKICSQVGLC
TFDGTRGVSAGIRSVVDDEPVKSNGLRADPMCSACEMAVVWMQNQLAQNKTQDLILDYVNQLCNRLPSPMGESAVDCGSL
GSMPDIEFTIGGKKFALKPEEYILKVGEGAAAQCISGFTAMDIPPPRGPLWILGDVFMGPYHTVFDYGKLRIGFAKAA
;
_entity_poly.pdbx_strand_id   A,B,C
#
# COMPACT_ATOMS: atom_id res chain seq x y z
N VAL A 1 2.10 5.92 13.84
CA VAL A 1 0.75 5.37 13.54
C VAL A 1 0.80 4.72 12.17
N ARG A 2 0.39 3.46 12.08
CA ARG A 2 0.41 2.73 10.83
C ARG A 2 -0.95 2.55 10.15
N ILE A 3 -1.07 3.16 8.97
CA ILE A 3 -2.28 3.10 8.17
C ILE A 3 -2.14 2.14 6.98
N ALA A 4 -2.80 1.00 7.07
CA ALA A 4 -2.76 0.04 6.01
C ALA A 4 -3.49 0.64 4.82
N LEU A 5 -3.25 0.10 3.64
CA LEU A 5 -3.91 0.57 2.44
C LEU A 5 -4.22 -0.70 1.66
N LYS A 6 -5.24 -0.64 0.83
CA LYS A 6 -5.60 -1.78 0.03
C LYS A 6 -5.41 -1.35 -1.40
N LYS A 7 -4.90 -2.24 -2.21
CA LYS A 7 -4.68 -1.90 -3.59
C LYS A 7 -5.73 -2.56 -4.41
N ARG A 8 -6.47 -1.71 -5.11
CA ARG A 8 -7.53 -2.12 -6.02
C ARG A 8 -6.93 -1.62 -7.32
N PRO A 9 -6.34 -2.53 -8.08
CA PRO A 9 -5.71 -2.18 -9.36
C PRO A 9 -6.70 -1.83 -10.46
N ILE A 10 -6.37 -0.78 -11.21
CA ILE A 10 -7.15 -0.28 -12.34
C ILE A 10 -7.65 -1.49 -13.15
N ASP A 11 -8.93 -1.46 -13.47
CA ASP A 11 -9.56 -2.52 -14.23
C ASP A 11 -10.02 -1.98 -15.55
N ARG A 12 -10.77 -2.80 -16.26
CA ARG A 12 -11.31 -2.43 -17.55
C ARG A 12 -12.31 -1.27 -17.47
N ASN A 13 -13.28 -1.31 -16.57
CA ASN A 13 -14.29 -0.22 -16.49
C ASN A 13 -13.78 1.21 -16.29
N SER A 14 -12.66 1.40 -15.60
CA SER A 14 -12.13 2.75 -15.38
C SER A 14 -11.46 3.31 -16.63
N ARG A 15 -10.89 2.43 -17.43
CA ARG A 15 -10.20 2.81 -18.65
C ARG A 15 -11.20 3.28 -19.69
N VAL A 16 -12.30 2.53 -19.85
CA VAL A 16 -13.33 2.89 -20.82
C VAL A 16 -13.99 4.18 -20.34
N ALA A 17 -14.05 4.35 -19.03
CA ALA A 17 -14.63 5.55 -18.43
C ALA A 17 -13.68 6.75 -18.60
N THR A 18 -12.39 6.54 -18.37
CA THR A 18 -11.39 7.60 -18.53
C THR A 18 -11.31 7.96 -20.01
N GLY A 19 -11.48 6.95 -20.87
CA GLY A 19 -11.44 7.17 -22.30
C GLY A 19 -12.56 8.10 -22.73
N LEU A 20 -13.78 7.76 -22.34
CA LEU A 20 -14.95 8.58 -22.66
C LEU A 20 -15.10 9.79 -21.73
N SER A 21 -13.99 10.50 -21.52
CA SER A 21 -13.95 11.70 -20.66
C SER A 21 -12.77 12.61 -21.03
N GLY A 22 -12.22 12.45 -22.16
N GLU A 38 -6.96 21.22 -18.81
CA GLU A 38 -6.37 22.52 -18.35
C GLU A 38 -4.84 22.40 -18.19
N GLU A 39 -4.23 23.46 -17.67
CA GLU A 39 -2.78 23.49 -17.47
C GLU A 39 -2.38 24.79 -16.78
N GLU A 40 -2.79 25.93 -17.34
CA GLU A 40 -2.46 27.23 -16.78
C GLU A 40 -2.90 27.40 -15.30
N GLY A 41 -2.14 26.78 -14.40
CA GLY A 41 -2.44 26.87 -12.98
C GLY A 41 -2.69 25.59 -12.22
N ASP A 42 -3.96 25.34 -11.91
CA ASP A 42 -4.45 24.21 -11.11
C ASP A 42 -4.24 22.77 -11.59
N ILE A 43 -3.47 22.03 -10.81
CA ILE A 43 -3.19 20.63 -11.09
C ILE A 43 -4.34 19.84 -10.45
N VAL A 44 -4.98 20.44 -9.45
CA VAL A 44 -6.10 19.80 -8.77
C VAL A 44 -7.21 19.54 -9.80
N ALA A 45 -7.55 20.56 -10.59
CA ALA A 45 -8.56 20.42 -11.63
C ALA A 45 -8.06 19.47 -12.71
N LEU A 46 -6.87 18.91 -12.52
CA LEU A 46 -6.30 18.00 -13.50
C LEU A 46 -6.34 16.56 -13.04
N LYS A 47 -6.63 16.35 -11.74
CA LYS A 47 -6.67 15.02 -11.15
C LYS A 47 -7.77 14.15 -11.70
N ASN A 48 -7.44 12.88 -11.84
CA ASN A 48 -8.31 11.86 -12.34
C ASN A 48 -8.15 10.73 -11.33
N TYR A 49 -9.14 10.55 -10.48
CA TYR A 49 -9.07 9.55 -9.44
C TYR A 49 -9.41 8.17 -9.92
N MET A 50 -9.81 8.04 -11.17
CA MET A 50 -10.09 6.71 -11.70
C MET A 50 -8.78 5.97 -11.88
N ASN A 51 -7.70 6.75 -11.71
CA ASN A 51 -6.34 6.25 -11.79
C ASN A 51 -5.82 6.04 -10.37
N ALA A 52 -6.72 5.83 -9.42
CA ALA A 52 -6.35 5.59 -8.03
C ALA A 52 -6.29 4.09 -7.85
N GLN A 53 -5.38 3.62 -6.99
CA GLN A 53 -5.22 2.19 -6.74
C GLN A 53 -5.06 1.79 -5.27
N TYR A 54 -4.81 2.77 -4.41
CA TYR A 54 -4.64 2.49 -2.99
C TYR A 54 -5.64 3.25 -2.13
N PHE A 55 -6.40 2.51 -1.33
CA PHE A 55 -7.42 3.08 -0.49
C PHE A 55 -7.24 2.74 0.95
N GLY A 56 -7.66 3.66 1.80
CA GLY A 56 -7.56 3.45 3.22
C GLY A 56 -8.90 3.78 3.81
N GLU A 57 -9.02 3.67 5.12
CA GLU A 57 -10.27 3.95 5.83
C GLU A 57 -9.96 4.99 6.89
N ILE A 58 -10.95 5.85 7.15
CA ILE A 58 -10.89 6.87 8.20
C ILE A 58 -12.28 6.80 8.81
N GLY A 59 -12.52 7.65 9.79
CA GLY A 59 -13.82 7.68 10.40
C GLY A 59 -14.08 9.10 10.80
N VAL A 60 -15.18 9.67 10.32
CA VAL A 60 -15.56 11.03 10.69
C VAL A 60 -16.75 10.94 11.68
N GLY A 61 -16.63 11.64 12.81
CA GLY A 61 -17.70 11.65 13.80
C GLY A 61 -17.53 10.80 15.05
N THR A 62 -18.46 10.97 16.00
CA THR A 62 -18.48 10.21 17.25
C THR A 62 -19.88 9.67 17.53
N PRO A 63 -20.07 8.34 17.47
CA PRO A 63 -19.03 7.35 17.15
C PRO A 63 -18.46 7.56 15.75
N PRO A 64 -17.40 6.81 15.40
CA PRO A 64 -16.78 6.95 14.10
C PRO A 64 -17.56 6.37 12.95
N GLN A 65 -17.86 7.20 11.96
CA GLN A 65 -18.56 6.78 10.76
C GLN A 65 -17.46 6.46 9.74
N LYS A 66 -17.36 5.21 9.31
CA LYS A 66 -16.33 4.75 8.36
C LYS A 66 -16.47 5.10 6.87
N PHE A 67 -15.37 5.56 6.29
CA PHE A 67 -15.31 5.91 4.87
C PHE A 67 -14.01 5.48 4.18
N THR A 68 -14.12 4.89 3.00
CA THR A 68 -12.95 4.52 2.23
C THR A 68 -12.60 5.85 1.57
N VAL A 69 -11.34 6.24 1.65
CA VAL A 69 -10.91 7.50 1.07
C VAL A 69 -9.55 7.27 0.47
N ILE A 70 -9.12 8.21 -0.34
CA ILE A 70 -7.81 8.16 -0.96
C ILE A 70 -7.00 9.12 -0.13
N PHE A 71 -5.83 8.69 0.33
CA PHE A 71 -4.93 9.57 1.09
C PHE A 71 -4.06 10.28 0.03
N ASP A 72 -4.50 11.47 -0.28
CA ASP A 72 -3.96 12.33 -1.32
C ASP A 72 -2.94 13.42 -0.99
N THR A 73 -1.68 13.19 -1.31
CA THR A 73 -0.66 14.22 -1.10
C THR A 73 -0.87 15.38 -2.09
N GLY A 74 -1.72 15.18 -3.08
CA GLY A 74 -1.99 16.20 -4.07
C GLY A 74 -3.21 17.08 -3.88
N SER A 75 -3.81 17.05 -2.69
CA SER A 75 -5.00 17.84 -2.32
C SER A 75 -4.81 18.17 -0.85
N SER A 76 -5.49 19.20 -0.35
CA SER A 76 -5.39 19.57 1.07
C SER A 76 -6.73 19.53 1.82
N ASN A 77 -7.75 18.96 1.19
CA ASN A 77 -9.09 18.88 1.77
C ASN A 77 -9.57 17.46 2.02
N LEU A 78 -10.39 17.34 3.06
CA LEU A 78 -11.05 16.09 3.41
C LEU A 78 -12.47 16.42 3.00
N TRP A 79 -13.17 15.45 2.41
CA TRP A 79 -14.55 15.62 2.02
C TRP A 79 -15.13 14.25 1.88
N VAL A 80 -16.38 14.12 2.31
CA VAL A 80 -17.10 12.85 2.26
C VAL A 80 -18.51 13.15 1.77
N PRO A 81 -19.20 12.16 1.17
CA PRO A 81 -20.54 12.50 0.72
C PRO A 81 -21.39 12.88 1.94
N SER A 82 -22.41 13.70 1.71
CA SER A 82 -23.29 14.13 2.79
C SER A 82 -24.56 13.32 2.70
N ALA A 83 -25.26 13.20 3.83
CA ALA A 83 -26.52 12.49 3.83
C ALA A 83 -27.44 13.41 3.06
N LYS A 84 -27.01 14.66 2.99
CA LYS A 84 -27.72 15.71 2.30
C LYS A 84 -27.46 15.71 0.80
N CYS A 85 -26.90 14.64 0.27
CA CYS A 85 -26.66 14.57 -1.15
C CYS A 85 -27.82 13.79 -1.78
N TYR A 86 -28.92 14.45 -2.14
CA TYR A 86 -30.04 13.69 -2.70
C TYR A 86 -30.12 13.45 -4.19
N PHE A 87 -29.46 14.30 -4.99
CA PHE A 87 -29.58 14.16 -6.43
C PHE A 87 -28.52 13.52 -7.32
N SER A 88 -27.29 13.34 -6.81
CA SER A 88 -26.25 12.70 -7.63
C SER A 88 -26.41 11.19 -7.54
N ILE A 89 -26.50 10.50 -8.68
CA ILE A 89 -26.62 9.02 -8.67
C ILE A 89 -25.41 8.42 -7.99
N ALA A 90 -24.30 9.15 -8.01
CA ALA A 90 -23.06 8.72 -7.40
C ALA A 90 -23.16 8.53 -5.89
N CYS A 91 -23.91 9.42 -5.23
CA CYS A 91 -24.07 9.34 -3.80
C CYS A 91 -24.85 8.08 -3.38
N TYR A 92 -25.50 7.43 -4.34
CA TYR A 92 -26.26 6.22 -4.07
C TYR A 92 -25.40 4.98 -4.22
N LEU A 93 -24.09 5.18 -4.29
CA LEU A 93 -23.12 4.11 -4.44
C LEU A 93 -22.03 4.23 -3.41
N HIS A 94 -22.05 5.33 -2.65
CA HIS A 94 -21.01 5.59 -1.66
C HIS A 94 -21.63 5.91 -0.28
N SER A 95 -20.81 5.89 0.77
CA SER A 95 -21.29 6.18 2.12
C SER A 95 -21.55 7.64 2.31
N ARG A 96 -22.29 7.95 3.35
CA ARG A 96 -22.69 9.30 3.64
C ARG A 96 -22.49 9.63 5.10
N TYR A 97 -22.08 10.86 5.34
CA TYR A 97 -21.88 11.34 6.68
C TYR A 97 -23.26 11.79 7.15
N LYS A 98 -23.62 11.35 8.35
CA LYS A 98 -24.88 11.68 8.99
C LYS A 98 -24.50 12.51 10.22
N ALA A 99 -24.53 13.82 10.08
CA ALA A 99 -24.16 14.70 11.19
C ALA A 99 -24.94 14.45 12.47
N GLY A 100 -26.24 14.25 12.36
CA GLY A 100 -27.08 14.03 13.53
C GLY A 100 -26.85 12.75 14.32
N ALA A 101 -26.20 11.77 13.70
CA ALA A 101 -25.89 10.51 14.38
C ALA A 101 -24.53 10.61 15.01
N SER A 102 -23.97 11.82 15.02
CA SER A 102 -22.64 12.11 15.55
C SER A 102 -22.71 13.11 16.69
N SER A 103 -22.21 12.70 17.86
CA SER A 103 -22.19 13.51 19.09
C SER A 103 -21.34 14.76 18.96
N THR A 104 -20.11 14.54 18.54
CA THR A 104 -19.07 15.57 18.36
C THR A 104 -19.22 16.57 17.20
N TYR A 105 -20.32 16.50 16.47
CA TYR A 105 -20.53 17.37 15.32
C TYR A 105 -20.75 18.87 15.60
N LYS A 106 -20.07 19.70 14.78
CA LYS A 106 -20.14 21.18 14.84
C LYS A 106 -20.42 21.69 13.41
N LYS A 107 -21.54 22.36 13.21
CA LYS A 107 -21.94 22.85 11.89
C LYS A 107 -21.30 24.15 11.36
N ASN A 108 -20.57 24.03 10.26
CA ASN A 108 -19.92 25.17 9.60
C ASN A 108 -20.46 25.23 8.16
N GLY A 109 -21.68 25.71 8.01
CA GLY A 109 -22.28 25.78 6.69
C GLY A 109 -21.55 26.50 5.56
N LYS A 110 -20.30 26.88 5.71
CA LYS A 110 -19.58 27.57 4.63
C LYS A 110 -19.58 26.67 3.38
N PRO A 111 -20.26 27.10 2.30
CA PRO A 111 -20.34 26.33 1.06
C PRO A 111 -18.99 26.21 0.37
N ALA A 112 -18.80 25.18 -0.44
CA ALA A 112 -17.54 24.98 -1.12
C ALA A 112 -17.68 23.93 -2.22
N ALA A 113 -16.77 23.96 -3.20
CA ALA A 113 -16.83 23.03 -4.31
C ALA A 113 -15.45 22.85 -4.93
N ILE A 114 -15.10 21.61 -5.25
CA ILE A 114 -13.80 21.35 -5.86
C ILE A 114 -13.93 20.69 -7.22
N GLN A 115 -13.33 21.34 -8.21
CA GLN A 115 -13.34 20.86 -9.59
C GLN A 115 -12.02 20.11 -9.81
N TYR A 116 -12.16 18.87 -10.27
CA TYR A 116 -11.05 17.97 -10.55
C TYR A 116 -11.19 17.63 -12.03
N GLY A 117 -10.31 16.79 -12.54
CA GLY A 117 -10.34 16.49 -13.96
C GLY A 117 -11.49 15.71 -14.55
N THR A 118 -11.85 14.62 -13.89
CA THR A 118 -12.95 13.78 -14.35
C THR A 118 -14.18 13.87 -13.45
N GLY A 119 -14.37 15.01 -12.79
CA GLY A 119 -15.51 15.19 -11.91
C GLY A 119 -15.46 16.47 -11.07
N SER A 120 -16.50 16.70 -10.27
CA SER A 120 -16.58 17.89 -9.46
C SER A 120 -17.37 17.56 -8.21
N ILE A 121 -17.16 18.33 -7.15
CA ILE A 121 -17.90 18.12 -5.92
C ILE A 121 -18.22 19.49 -5.35
N ALA A 122 -19.45 19.65 -4.84
CA ALA A 122 -19.90 20.89 -4.21
C ALA A 122 -20.60 20.43 -2.96
N GLY A 123 -20.55 21.23 -1.90
CA GLY A 123 -21.19 20.90 -0.65
C GLY A 123 -20.97 22.04 0.32
N TYR A 124 -20.96 21.75 1.62
CA TYR A 124 -20.72 22.78 2.63
C TYR A 124 -19.84 22.15 3.69
N PHE A 125 -19.09 23.01 4.38
CA PHE A 125 -18.19 22.59 5.44
C PHE A 125 -18.95 22.10 6.66
N SER A 126 -18.23 21.51 7.59
CA SER A 126 -18.80 21.02 8.83
C SER A 126 -17.57 20.59 9.62
N GLU A 127 -17.75 20.16 10.85
CA GLU A 127 -16.59 19.72 11.60
C GLU A 127 -16.98 18.58 12.49
N ASP A 128 -15.97 17.85 12.94
CA ASP A 128 -16.18 16.71 13.78
C ASP A 128 -14.80 16.16 14.09
N SER A 129 -14.76 14.91 14.54
CA SER A 129 -13.51 14.25 14.90
C SER A 129 -13.19 13.13 13.92
N VAL A 130 -12.09 13.30 13.19
CA VAL A 130 -11.67 12.31 12.22
C VAL A 130 -10.68 11.34 12.85
N THR A 131 -10.78 10.08 12.46
CA THR A 131 -9.97 9.01 13.02
C THR A 131 -9.19 8.22 11.99
N VAL A 132 -7.88 8.39 12.01
CA VAL A 132 -7.01 7.68 11.10
C VAL A 132 -6.33 6.70 12.03
N GLY A 133 -6.31 5.43 11.68
CA GLY A 133 -5.70 4.44 12.54
C GLY A 133 -6.29 4.67 13.91
N ASP A 134 -5.46 5.20 14.82
CA ASP A 134 -5.93 5.48 16.16
C ASP A 134 -5.71 6.92 16.60
N LEU A 135 -5.78 7.84 15.66
CA LEU A 135 -5.62 9.24 16.01
C LEU A 135 -7.02 9.78 15.90
N VAL A 136 -7.41 10.58 16.87
CA VAL A 136 -8.73 11.17 16.84
C VAL A 136 -8.45 12.65 16.71
N VAL A 137 -8.43 13.06 15.46
CA VAL A 137 -8.19 14.44 15.12
C VAL A 137 -9.54 15.13 15.37
N LYS A 138 -9.56 16.00 16.36
CA LYS A 138 -10.75 16.73 16.73
C LYS A 138 -10.82 17.99 15.90
N ASP A 139 -11.93 18.71 15.99
CA ASP A 139 -12.12 19.98 15.29
C ASP A 139 -11.78 19.96 13.81
N GLN A 140 -11.54 18.78 13.26
CA GLN A 140 -11.18 18.68 11.86
C GLN A 140 -12.30 19.19 10.99
N GLU A 141 -12.10 20.36 10.39
CA GLU A 141 -13.10 20.91 9.47
C GLU A 141 -13.06 20.18 8.10
N PHE A 142 -14.23 19.86 7.55
CA PHE A 142 -14.33 19.14 6.27
C PHE A 142 -15.50 19.52 5.38
N ILE A 143 -15.54 18.94 4.18
CA ILE A 143 -16.62 19.22 3.24
C ILE A 143 -17.48 18.02 3.05
N GLU A 144 -18.77 18.21 3.23
CA GLU A 144 -19.74 17.16 3.03
C GLU A 144 -20.21 17.44 1.62
N ALA A 145 -20.18 16.45 0.76
CA ALA A 145 -20.60 16.65 -0.60
C ALA A 145 -22.11 16.54 -0.70
N THR A 146 -22.76 17.64 -1.10
CA THR A 146 -24.21 17.68 -1.27
C THR A 146 -24.49 17.36 -2.73
N LYS A 147 -23.42 17.29 -3.51
CA LYS A 147 -23.46 16.97 -4.94
C LYS A 147 -22.05 16.65 -5.40
N GLU A 148 -21.91 15.58 -6.16
CA GLU A 148 -20.62 15.21 -6.69
C GLU A 148 -20.74 14.58 -8.09
N PRO A 149 -20.95 15.45 -9.09
CA PRO A 149 -21.07 14.99 -10.48
C PRO A 149 -19.71 14.66 -11.07
N GLY A 150 -19.75 13.85 -12.11
CA GLY A 150 -18.53 13.46 -12.76
C GLY A 150 -18.48 11.97 -12.88
N ILE A 151 -17.76 11.48 -13.88
CA ILE A 151 -17.64 10.06 -14.05
C ILE A 151 -16.65 9.48 -13.04
N THR A 152 -15.76 10.31 -12.50
CA THR A 152 -14.78 9.82 -11.51
C THR A 152 -15.51 9.27 -10.30
N PHE A 153 -16.63 9.89 -9.93
CA PHE A 153 -17.40 9.48 -8.75
C PHE A 153 -18.50 8.48 -9.04
N LEU A 154 -18.70 8.20 -10.30
CA LEU A 154 -19.69 7.24 -10.72
C LEU A 154 -19.05 5.91 -10.49
N VAL A 155 -17.87 5.72 -11.10
CA VAL A 155 -17.07 4.49 -11.03
C VAL A 155 -16.23 4.32 -9.72
N ALA A 156 -15.98 5.43 -9.01
CA ALA A 156 -15.25 5.43 -7.74
C ALA A 156 -15.43 4.23 -6.85
N LYS A 157 -14.31 3.79 -6.27
CA LYS A 157 -14.27 2.68 -5.33
C LYS A 157 -13.80 3.22 -3.98
N PHE A 158 -14.04 4.50 -3.76
CA PHE A 158 -13.66 5.17 -2.54
C PHE A 158 -14.83 6.08 -2.23
N ASP A 159 -14.79 6.80 -1.10
CA ASP A 159 -15.91 7.68 -0.70
C ASP A 159 -15.46 9.10 -0.63
N GLY A 160 -14.22 9.28 -0.23
CA GLY A 160 -13.72 10.62 -0.11
C GLY A 160 -12.26 10.72 -0.45
N ILE A 161 -11.70 11.87 -0.17
CA ILE A 161 -10.32 12.13 -0.40
C ILE A 161 -9.91 12.74 0.89
N LEU A 162 -8.82 12.24 1.45
CA LEU A 162 -8.28 12.82 2.67
C LEU A 162 -7.03 13.45 2.07
N GLY A 163 -6.97 14.77 2.15
CA GLY A 163 -5.84 15.50 1.58
C GLY A 163 -4.70 15.60 2.54
N LEU A 164 -3.53 15.24 2.03
CA LEU A 164 -2.29 15.26 2.78
C LEU A 164 -1.33 16.36 2.30
N GLY A 165 -1.85 17.25 1.47
CA GLY A 165 -1.09 18.37 0.92
C GLY A 165 -1.03 19.60 1.83
N PHE A 166 -0.50 20.70 1.30
CA PHE A 166 -0.33 21.96 2.04
C PHE A 166 -1.59 22.85 2.05
N LYS A 167 -1.81 23.54 3.16
CA LYS A 167 -2.96 24.42 3.32
C LYS A 167 -3.12 25.47 2.23
N GLU A 168 -2.02 25.90 1.63
CA GLU A 168 -2.08 26.91 0.58
C GLU A 168 -3.11 26.59 -0.50
N ILE A 169 -3.17 25.31 -0.92
CA ILE A 169 -4.10 24.88 -1.96
C ILE A 169 -5.42 24.28 -1.43
N SER A 170 -5.76 24.61 -0.18
CA SER A 170 -6.94 24.12 0.52
C SER A 170 -8.21 24.95 0.30
N VAL A 171 -9.27 24.33 -0.23
CA VAL A 171 -10.51 25.08 -0.48
C VAL A 171 -11.06 25.58 0.83
N GLY A 172 -11.47 26.83 0.80
CA GLY A 172 -12.03 27.48 1.98
C GLY A 172 -10.98 27.68 3.06
N LYS A 173 -9.71 27.52 2.67
CA LYS A 173 -8.55 27.65 3.57
C LYS A 173 -8.59 26.75 4.81
N ALA A 174 -9.28 25.62 4.72
CA ALA A 174 -9.41 24.71 5.87
C ALA A 174 -8.07 24.09 6.31
N VAL A 175 -7.91 23.89 7.62
CA VAL A 175 -6.66 23.32 8.17
C VAL A 175 -6.70 21.80 8.01
N PRO A 176 -5.77 21.25 7.22
CA PRO A 176 -5.67 19.81 6.93
C PRO A 176 -5.53 18.96 8.18
N VAL A 177 -5.87 17.68 8.03
CA VAL A 177 -5.79 16.77 9.14
C VAL A 177 -4.37 16.62 9.61
N TRP A 178 -3.41 16.74 8.71
CA TRP A 178 -2.01 16.60 9.11
C TRP A 178 -1.62 17.77 9.99
N TYR A 179 -2.03 18.97 9.63
CA TYR A 179 -1.68 20.14 10.44
C TYR A 179 -2.21 19.99 11.87
N LYS A 180 -3.39 19.39 11.97
CA LYS A 180 -4.07 19.18 13.25
C LYS A 180 -3.39 18.05 14.04
N MET A 181 -3.22 16.87 13.43
CA MET A 181 -2.58 15.80 14.15
C MET A 181 -1.15 16.11 14.51
N ILE A 182 -0.46 16.85 13.65
CA ILE A 182 0.93 17.24 13.87
C ILE A 182 1.02 18.61 14.55
N GLU A 183 0.14 18.83 15.53
CA GLU A 183 0.08 20.06 16.30
C GLU A 183 -0.62 19.71 17.61
N GLN A 184 -1.81 19.14 17.51
CA GLN A 184 -2.60 18.70 18.66
C GLN A 184 -1.77 17.71 19.50
N GLY A 185 -0.65 17.23 18.95
CA GLY A 185 0.21 16.31 19.69
C GLY A 185 0.08 14.85 19.30
N LEU A 186 -0.66 14.57 18.23
CA LEU A 186 -0.87 13.20 17.81
C LEU A 186 0.34 12.49 17.21
N VAL A 187 1.18 13.19 16.46
CA VAL A 187 2.35 12.53 15.84
C VAL A 187 3.73 12.73 16.49
N SER A 188 4.62 11.76 16.24
CA SER A 188 5.98 11.78 16.75
C SER A 188 6.82 12.79 15.98
N ASP A 189 7.27 12.38 14.78
CA ASP A 189 8.05 13.24 13.91
C ASP A 189 7.03 13.82 12.93
N PRO A 190 7.18 15.10 12.57
CA PRO A 190 6.23 15.69 11.63
C PRO A 190 6.60 15.23 10.22
N VAL A 191 6.60 13.92 10.04
CA VAL A 191 6.95 13.28 8.79
C VAL A 191 5.87 12.23 8.57
N PHE A 192 5.79 11.67 7.37
CA PHE A 192 4.84 10.61 7.06
C PHE A 192 5.31 9.94 5.78
N SER A 193 5.14 8.63 5.67
CA SER A 193 5.62 7.92 4.52
C SER A 193 4.65 6.96 3.94
N PHE A 194 4.81 6.67 2.66
CA PHE A 194 3.94 5.75 1.99
C PHE A 194 4.79 4.62 1.49
N TRP A 195 4.31 3.40 1.65
CA TRP A 195 5.00 2.24 1.14
C TRP A 195 3.93 1.53 0.35
N LEU A 196 3.82 1.87 -0.92
CA LEU A 196 2.80 1.27 -1.74
C LEU A 196 3.34 0.09 -2.50
N ASN A 197 3.94 -0.86 -1.78
CA ASN A 197 4.50 -2.04 -2.41
C ASN A 197 4.48 -3.25 -1.46
N ARG A 198 3.36 -3.47 -0.78
CA ARG A 198 3.24 -4.63 0.11
C ARG A 198 2.83 -5.77 -0.80
N HIS A 199 3.84 -6.33 -1.45
CA HIS A 199 3.69 -7.46 -2.37
C HIS A 199 3.55 -8.74 -1.56
N VAL A 200 2.65 -9.53 -1.88
N GLY A 205 -1.10 -4.37 -1.63
CA GLY A 205 -1.45 -3.30 -0.65
C GLY A 205 -0.26 -2.43 -0.32
N GLY A 206 -0.38 -1.64 0.72
CA GLY A 206 0.72 -0.78 1.11
C GLY A 206 0.50 -0.35 2.54
N GLU A 207 0.94 0.85 2.90
CA GLU A 207 0.80 1.38 4.23
C GLU A 207 1.41 2.77 4.39
N ILE A 208 0.65 3.67 4.96
CA ILE A 208 1.09 5.03 5.25
C ILE A 208 1.43 5.00 6.73
N ILE A 209 2.31 5.89 7.17
CA ILE A 209 2.66 5.95 8.58
C ILE A 209 2.79 7.41 8.88
N PHE A 210 1.98 7.89 9.80
CA PHE A 210 2.04 9.30 10.11
C PHE A 210 2.95 9.43 11.29
N GLY A 211 3.88 10.37 11.20
CA GLY A 211 4.82 10.61 12.26
C GLY A 211 6.00 9.65 12.28
N GLY A 212 6.34 9.09 11.12
CA GLY A 212 7.45 8.16 11.13
C GLY A 212 7.57 7.37 9.85
N MET A 213 8.35 6.30 9.91
CA MET A 213 8.58 5.45 8.75
C MET A 213 9.22 4.18 9.26
N ASP A 214 9.01 3.10 8.53
CA ASP A 214 9.56 1.81 8.91
C ASP A 214 10.76 1.49 8.05
N PRO A 215 11.92 1.27 8.69
CA PRO A 215 13.12 0.93 7.93
C PRO A 215 13.07 -0.46 7.29
N LYS A 216 11.94 -1.14 7.41
CA LYS A 216 11.76 -2.46 6.81
C LYS A 216 11.00 -2.34 5.50
N HIS A 217 10.60 -1.13 5.17
CA HIS A 217 9.88 -0.91 3.94
C HIS A 217 10.79 -0.42 2.83
N TYR A 218 12.08 -0.27 3.13
CA TYR A 218 12.99 0.21 2.12
C TYR A 218 14.41 -0.32 2.27
N VAL A 219 15.12 -0.31 1.16
CA VAL A 219 16.49 -0.75 1.08
C VAL A 219 17.40 0.49 1.02
N GLY A 220 18.25 0.64 2.04
CA GLY A 220 19.16 1.76 2.08
C GLY A 220 18.57 3.05 2.61
N GLU A 221 19.29 4.15 2.38
CA GLU A 221 18.91 5.49 2.81
C GLU A 221 17.96 6.18 1.81
N HIS A 222 17.46 7.34 2.21
CA HIS A 222 16.55 8.14 1.38
C HIS A 222 17.29 9.33 0.81
N THR A 223 17.04 9.64 -0.46
CA THR A 223 17.62 10.79 -1.12
C THR A 223 16.60 11.90 -0.93
N TYR A 224 16.94 12.92 -0.13
CA TYR A 224 16.02 14.01 0.15
C TYR A 224 16.27 15.26 -0.64
N VAL A 225 15.21 15.73 -1.28
CA VAL A 225 15.25 16.94 -2.08
C VAL A 225 14.11 17.76 -1.48
N PRO A 226 14.36 19.04 -1.19
CA PRO A 226 13.40 19.96 -0.59
C PRO A 226 12.21 20.35 -1.45
N VAL A 227 11.18 20.84 -0.76
CA VAL A 227 9.94 21.28 -1.39
C VAL A 227 10.26 22.65 -1.92
N THR A 228 10.00 22.82 -3.21
CA THR A 228 10.28 24.08 -3.88
C THR A 228 9.16 25.08 -3.81
N GLN A 229 7.92 24.60 -3.89
CA GLN A 229 6.75 25.48 -3.82
C GLN A 229 5.81 24.91 -2.78
N LYS A 230 5.65 25.62 -1.66
CA LYS A 230 4.78 25.19 -0.58
C LYS A 230 3.30 25.40 -0.94
N GLY A 231 2.70 24.35 -1.45
CA GLY A 231 1.32 24.35 -1.85
C GLY A 231 1.20 22.91 -2.23
N TYR A 232 2.11 22.49 -3.10
CA TYR A 232 2.14 21.12 -3.55
C TYR A 232 3.39 20.47 -2.98
N TRP A 233 3.37 19.13 -2.88
CA TRP A 233 4.54 18.44 -2.41
C TRP A 233 5.36 18.28 -3.69
N GLN A 234 5.89 19.41 -4.17
CA GLN A 234 6.69 19.44 -5.41
C GLN A 234 8.13 19.82 -5.13
N PHE A 235 9.03 19.14 -5.82
CA PHE A 235 10.47 19.34 -5.65
C PHE A 235 11.10 19.56 -7.02
N ASP A 236 12.30 20.12 -7.09
CA ASP A 236 12.92 20.32 -8.40
C ASP A 236 13.68 19.08 -8.82
N MET A 237 13.18 18.46 -9.88
CA MET A 237 13.74 17.26 -10.44
C MET A 237 14.63 17.61 -11.62
N GLY A 238 15.16 16.59 -12.29
CA GLY A 238 16.03 16.86 -13.40
C GLY A 238 15.57 16.32 -14.70
N ASP A 239 16.43 15.49 -15.29
CA ASP A 239 16.22 14.90 -16.60
C ASP A 239 15.50 13.57 -16.53
N VAL A 240 15.00 13.13 -17.69
CA VAL A 240 14.32 11.86 -17.80
C VAL A 240 15.07 11.19 -18.95
N LEU A 241 15.53 9.97 -18.69
CA LEU A 241 16.28 9.19 -19.66
C LEU A 241 15.46 7.94 -19.93
N VAL A 242 15.50 7.46 -21.15
CA VAL A 242 14.82 6.22 -21.45
C VAL A 242 15.82 5.33 -22.17
N GLY A 243 16.27 4.29 -21.47
CA GLY A 243 17.22 3.38 -22.08
C GLY A 243 18.61 3.98 -22.10
N GLY A 244 18.86 4.87 -21.14
CA GLY A 244 20.14 5.54 -21.03
C GLY A 244 20.15 6.88 -21.74
N LYS A 245 19.44 6.97 -22.86
CA LYS A 245 19.38 8.19 -23.65
C LYS A 245 18.42 9.24 -23.10
N SER A 246 18.87 10.48 -23.13
CA SER A 246 18.10 11.60 -22.63
C SER A 246 16.92 11.94 -23.52
N THR A 247 16.04 12.78 -22.99
CA THR A 247 14.87 13.24 -23.70
C THR A 247 15.07 14.72 -23.95
N GLY A 248 16.13 15.27 -23.36
CA GLY A 248 16.48 16.66 -23.51
C GLY A 248 15.58 17.69 -22.86
N PHE A 249 14.29 17.57 -23.12
CA PHE A 249 13.30 18.49 -22.58
C PHE A 249 13.48 18.85 -21.12
N CYS A 250 13.66 17.84 -20.28
CA CYS A 250 13.82 18.06 -18.85
C CYS A 250 15.24 18.18 -18.33
N ALA A 251 16.22 18.04 -19.21
CA ALA A 251 17.62 18.13 -18.79
C ALA A 251 17.90 19.45 -18.08
N GLY A 252 17.20 20.50 -18.50
CA GLY A 252 17.39 21.81 -17.91
C GLY A 252 16.52 22.05 -16.70
N GLY A 253 16.05 20.94 -16.12
CA GLY A 253 15.19 20.97 -14.94
C GLY A 253 13.71 20.78 -15.24
N CYS A 254 13.00 20.13 -14.33
CA CYS A 254 11.56 19.90 -14.46
C CYS A 254 11.01 19.74 -13.05
N ALA A 255 9.84 20.30 -12.79
CA ALA A 255 9.27 20.19 -11.45
C ALA A 255 8.58 18.88 -11.40
N ALA A 256 8.32 18.43 -10.19
CA ALA A 256 7.61 17.18 -10.02
C ALA A 256 6.79 17.30 -8.75
N ILE A 257 5.69 16.56 -8.71
CA ILE A 257 4.82 16.54 -7.56
C ILE A 257 4.71 15.05 -7.26
N ALA A 258 5.02 14.66 -6.04
CA ALA A 258 4.83 13.27 -5.70
C ALA A 258 3.35 13.27 -5.24
N ASP A 259 2.49 12.60 -5.99
CA ASP A 259 1.06 12.54 -5.72
C ASP A 259 0.65 11.07 -5.53
N SER A 260 0.17 10.75 -4.32
CA SER A 260 -0.26 9.40 -4.01
C SER A 260 -1.72 9.16 -4.36
N GLY A 261 -2.40 10.20 -4.83
CA GLY A 261 -3.79 10.08 -5.24
C GLY A 261 -3.91 9.91 -6.76
N THR A 262 -2.92 9.23 -7.32
CA THR A 262 -2.85 8.96 -8.75
C THR A 262 -1.79 7.90 -9.00
N SER A 263 -1.88 7.22 -10.13
CA SER A 263 -0.92 6.19 -10.48
C SER A 263 -0.01 6.60 -11.63
N LEU A 264 -0.60 6.73 -12.80
CA LEU A 264 0.15 7.08 -14.00
C LEU A 264 1.05 8.28 -13.81
N LEU A 265 2.22 8.20 -14.42
CA LEU A 265 3.21 9.26 -14.39
C LEU A 265 2.78 10.27 -15.45
N ALA A 266 2.51 11.51 -15.05
CA ALA A 266 2.06 12.55 -15.98
C ALA A 266 3.14 13.56 -16.28
N GLY A 267 3.60 13.58 -17.53
CA GLY A 267 4.64 14.52 -17.92
C GLY A 267 4.45 15.18 -19.26
N PRO A 268 5.41 16.01 -19.66
CA PRO A 268 5.33 16.71 -20.94
C PRO A 268 5.03 15.78 -22.09
N THR A 269 4.31 16.29 -23.08
CA THR A 269 3.94 15.52 -24.24
C THR A 269 5.18 15.20 -25.09
N ALA A 270 6.16 16.12 -25.10
CA ALA A 270 7.39 15.93 -25.86
C ALA A 270 8.10 14.65 -25.45
N ILE A 271 8.31 14.53 -24.16
CA ILE A 271 8.95 13.39 -23.55
C ILE A 271 8.05 12.16 -23.70
N ILE A 272 6.78 12.26 -23.32
CA ILE A 272 5.89 11.11 -23.42
C ILE A 272 5.85 10.54 -24.84
N THR A 273 5.86 11.39 -25.86
CA THR A 273 5.82 10.91 -27.24
C THR A 273 7.12 10.16 -27.61
N GLU A 274 8.23 10.52 -26.98
CA GLU A 274 9.47 9.81 -27.21
C GLU A 274 9.44 8.44 -26.47
N ILE A 275 8.81 8.42 -25.29
CA ILE A 275 8.67 7.19 -24.49
C ILE A 275 7.77 6.17 -25.19
N ASN A 276 6.72 6.65 -25.86
CA ASN A 276 5.82 5.73 -26.57
C ASN A 276 6.55 5.08 -27.71
N GLU A 277 7.40 5.83 -28.39
CA GLU A 277 8.19 5.28 -29.49
C GLU A 277 9.05 4.12 -29.00
N LYS A 278 9.95 4.43 -28.07
CA LYS A 278 10.89 3.47 -27.50
C LYS A 278 10.26 2.34 -26.72
N ILE A 279 9.07 2.58 -26.19
CA ILE A 279 8.35 1.58 -25.41
C ILE A 279 7.34 0.79 -26.27
N GLY A 280 6.92 1.36 -27.40
CA GLY A 280 5.98 0.68 -28.29
C GLY A 280 4.51 0.86 -27.92
N ALA A 281 4.22 1.99 -27.28
CA ALA A 281 2.89 2.37 -26.85
C ALA A 281 2.02 3.07 -27.90
N ALA A 282 0.95 2.39 -28.31
CA ALA A 282 -0.04 2.86 -29.31
C ALA A 282 0.06 4.27 -29.89
N GLY A 283 -0.31 5.29 -29.11
CA GLY A 283 -0.29 6.66 -29.60
C GLY A 283 -1.24 7.00 -30.76
N VAL A 284 -1.81 8.19 -30.74
CA VAL A 284 -2.70 8.67 -31.79
C VAL A 284 -1.94 9.54 -32.80
N VAL A 285 -2.36 9.47 -34.06
CA VAL A 285 -1.74 10.25 -35.14
C VAL A 285 -2.14 11.70 -35.15
N SER A 286 -1.16 12.60 -35.09
CA SER A 286 -1.44 14.03 -35.11
C SER A 286 -1.11 14.65 -36.46
N GLN A 287 -2.06 15.37 -37.02
CA GLN A 287 -1.84 15.99 -38.32
C GLN A 287 -1.01 17.26 -38.26
N GLU A 288 -1.28 18.11 -37.27
CA GLU A 288 -0.51 19.35 -37.13
C GLU A 288 0.97 19.02 -37.10
N CYS A 289 1.30 17.90 -36.47
CA CYS A 289 2.68 17.44 -36.34
C CYS A 289 3.15 16.94 -37.72
N LYS A 290 2.35 16.11 -38.38
CA LYS A 290 2.72 15.62 -39.70
C LYS A 290 2.84 16.86 -40.60
N THR A 291 2.11 17.91 -40.23
CA THR A 291 2.12 19.16 -40.98
C THR A 291 3.38 19.99 -40.77
N ILE A 292 3.84 20.15 -39.53
CA ILE A 292 5.06 20.91 -39.28
C ILE A 292 6.23 20.16 -39.90
N VAL A 293 6.15 18.83 -39.91
CA VAL A 293 7.21 17.98 -40.47
C VAL A 293 7.42 18.23 -41.96
N SER A 294 6.34 18.16 -42.75
CA SER A 294 6.44 18.39 -44.20
C SER A 294 6.72 19.85 -44.53
N GLN A 295 5.74 20.71 -44.27
CA GLN A 295 5.80 22.13 -44.54
C GLN A 295 7.00 22.87 -43.93
N TYR A 296 7.28 22.58 -42.66
CA TYR A 296 8.38 23.28 -41.98
C TYR A 296 9.60 22.46 -41.59
N GLY A 297 9.48 21.14 -41.70
CA GLY A 297 10.53 20.22 -41.32
C GLY A 297 11.95 20.65 -41.55
N GLN A 298 12.29 20.84 -42.82
CA GLN A 298 13.65 21.22 -43.14
C GLN A 298 14.00 22.62 -42.67
N GLN A 299 13.04 23.51 -42.64
CA GLN A 299 13.31 24.87 -42.20
C GLN A 299 13.78 24.83 -40.75
N ILE A 300 12.99 24.19 -39.90
CA ILE A 300 13.33 24.08 -38.48
C ILE A 300 14.70 23.39 -38.29
N LEU A 301 14.88 22.23 -38.92
CA LEU A 301 16.14 21.48 -38.81
C LEU A 301 17.36 22.32 -39.18
N ASP A 302 17.29 22.94 -40.34
CA ASP A 302 18.38 23.78 -40.81
C ASP A 302 18.66 24.92 -39.88
N LEU A 303 17.62 25.44 -39.26
CA LEU A 303 17.79 26.51 -38.29
C LEU A 303 18.51 25.97 -37.06
N LEU A 304 18.25 24.70 -36.75
CA LEU A 304 18.89 24.04 -35.61
C LEU A 304 20.33 23.70 -35.98
N LEU A 305 20.54 23.24 -37.21
CA LEU A 305 21.86 22.90 -37.69
C LEU A 305 22.69 24.15 -37.78
N ALA A 306 22.04 25.25 -38.13
CA ALA A 306 22.71 26.54 -38.22
C ALA A 306 22.96 27.10 -36.81
N GLU A 307 22.52 26.36 -35.81
CA GLU A 307 22.63 26.74 -34.41
C GLU A 307 21.92 28.07 -34.11
N THR A 308 20.67 28.12 -34.53
CA THR A 308 19.83 29.27 -34.29
C THR A 308 19.20 28.97 -32.93
N GLN A 309 18.81 30.01 -32.19
CA GLN A 309 18.21 29.80 -30.87
C GLN A 309 16.86 29.14 -31.06
N PRO A 310 16.66 27.96 -30.45
CA PRO A 310 15.44 27.15 -30.51
C PRO A 310 14.16 27.88 -30.19
N LYS A 311 14.23 28.76 -29.20
CA LYS A 311 13.06 29.53 -28.82
C LYS A 311 12.63 30.37 -30.03
N LYS A 312 13.62 31.06 -30.58
CA LYS A 312 13.46 31.93 -31.73
C LYS A 312 13.03 31.23 -33.02
N ILE A 313 13.24 29.92 -33.13
CA ILE A 313 12.86 29.20 -34.35
C ILE A 313 11.38 29.25 -34.74
N CYS A 314 10.48 28.83 -33.86
CA CYS A 314 9.05 28.84 -34.24
C CYS A 314 8.48 30.25 -34.45
N SER A 315 9.21 31.25 -34.02
CA SER A 315 8.81 32.63 -34.18
C SER A 315 9.30 33.08 -35.56
N GLN A 316 10.57 32.83 -35.85
CA GLN A 316 11.17 33.18 -37.14
C GLN A 316 10.45 32.47 -38.27
N VAL A 317 10.28 31.18 -38.11
CA VAL A 317 9.61 30.35 -39.09
C VAL A 317 8.15 30.82 -39.25
N GLY A 318 7.75 31.75 -38.38
CA GLY A 318 6.42 32.34 -38.42
C GLY A 318 5.24 31.57 -37.84
N LEU A 319 5.47 30.62 -36.93
CA LEU A 319 4.36 29.88 -36.36
C LEU A 319 3.97 30.27 -34.95
N CYS A 320 4.74 31.15 -34.32
CA CYS A 320 4.44 31.57 -32.96
C CYS A 320 4.54 33.08 -32.81
N THR A 321 3.49 33.71 -32.56
N ALA A 348 -2.54 29.21 -36.21
CA ALA A 348 -2.53 29.89 -34.88
C ALA A 348 -1.84 29.00 -33.86
N ASP A 349 -2.02 29.30 -32.58
CA ASP A 349 -1.42 28.55 -31.47
C ASP A 349 -1.35 27.02 -31.59
N PRO A 350 -2.48 26.32 -31.84
CA PRO A 350 -2.43 24.86 -31.96
C PRO A 350 -1.29 24.35 -32.85
N MET A 351 -0.95 25.13 -33.88
CA MET A 351 0.14 24.75 -34.78
C MET A 351 1.48 25.14 -34.17
N CYS A 352 1.47 26.24 -33.41
CA CYS A 352 2.67 26.73 -32.75
C CYS A 352 3.16 25.71 -31.72
N SER A 353 2.22 25.01 -31.07
CA SER A 353 2.55 24.00 -30.09
C SER A 353 3.16 22.72 -30.71
N ALA A 354 2.73 22.38 -31.93
CA ALA A 354 3.27 21.22 -32.63
C ALA A 354 4.69 21.55 -33.04
N CYS A 355 4.94 22.82 -33.36
CA CYS A 355 6.25 23.28 -33.76
C CYS A 355 7.22 23.26 -32.61
N GLU A 356 6.87 23.93 -31.51
CA GLU A 356 7.70 24.02 -30.32
C GLU A 356 8.19 22.65 -29.93
N MET A 357 7.27 21.70 -29.99
CA MET A 357 7.57 20.31 -29.68
C MET A 357 8.50 19.74 -30.72
N ALA A 358 8.17 19.96 -31.99
CA ALA A 358 9.00 19.48 -33.09
C ALA A 358 10.44 19.91 -32.84
N VAL A 359 10.64 21.19 -32.54
CA VAL A 359 11.96 21.74 -32.29
C VAL A 359 12.71 21.01 -31.19
N VAL A 360 11.98 20.65 -30.12
CA VAL A 360 12.53 19.95 -28.95
C VAL A 360 12.95 18.52 -29.23
N TRP A 361 12.16 17.81 -30.02
CA TRP A 361 12.51 16.45 -30.42
C TRP A 361 13.78 16.52 -31.25
N MET A 362 13.82 17.49 -32.17
CA MET A 362 14.97 17.71 -33.06
C MET A 362 16.27 18.01 -32.33
N GLN A 363 16.23 18.94 -31.37
CA GLN A 363 17.44 19.29 -30.62
C GLN A 363 17.99 18.09 -29.91
N ASN A 364 17.12 17.21 -29.46
CA ASN A 364 17.61 16.03 -28.77
C ASN A 364 18.19 15.01 -29.75
N GLN A 365 17.66 14.96 -30.96
CA GLN A 365 18.16 14.05 -31.98
C GLN A 365 19.56 14.49 -32.39
N LEU A 366 19.77 15.80 -32.39
CA LEU A 366 21.06 16.37 -32.72
C LEU A 366 21.94 16.24 -31.49
N ALA A 367 21.32 16.34 -30.33
CA ALA A 367 22.02 16.24 -29.05
C ALA A 367 22.53 14.83 -28.84
N GLN A 368 21.79 13.87 -29.37
CA GLN A 368 22.15 12.46 -29.28
C GLN A 368 22.99 12.10 -30.50
N ASN A 369 23.53 13.15 -31.13
CA ASN A 369 24.39 13.05 -32.30
C ASN A 369 23.82 12.26 -33.49
N LYS A 370 22.50 12.06 -33.51
CA LYS A 370 21.87 11.32 -34.58
C LYS A 370 22.10 12.01 -35.94
N THR A 371 22.19 11.20 -37.00
CA THR A 371 22.41 11.69 -38.35
C THR A 371 21.19 12.48 -38.86
N GLN A 372 21.46 13.69 -39.35
CA GLN A 372 20.45 14.61 -39.87
C GLN A 372 19.45 14.06 -40.87
N ASP A 373 19.94 13.30 -41.84
CA ASP A 373 19.06 12.74 -42.88
C ASP A 373 17.92 11.88 -42.34
N LEU A 374 18.02 11.47 -41.08
CA LEU A 374 17.01 10.63 -40.44
C LEU A 374 16.18 11.34 -39.39
N ILE A 375 16.62 12.51 -38.97
CA ILE A 375 15.91 13.26 -37.96
C ILE A 375 14.49 13.61 -38.37
N LEU A 376 14.32 14.03 -39.61
CA LEU A 376 13.00 14.42 -40.12
C LEU A 376 12.03 13.25 -40.15
N ASP A 377 12.51 12.14 -40.66
CA ASP A 377 11.74 10.92 -40.76
C ASP A 377 11.46 10.36 -39.35
N TYR A 378 12.34 10.67 -38.40
CA TYR A 378 12.15 10.22 -37.01
C TYR A 378 11.07 11.06 -36.41
N VAL A 379 11.24 12.38 -36.45
CA VAL A 379 10.24 13.29 -35.88
C VAL A 379 8.89 13.08 -36.55
N ASN A 380 8.92 12.53 -37.76
CA ASN A 380 7.70 12.21 -38.51
C ASN A 380 7.00 11.03 -37.85
N GLN A 381 7.79 10.07 -37.36
CA GLN A 381 7.26 8.89 -36.68
C GLN A 381 6.63 9.23 -35.34
N LEU A 382 7.30 10.09 -34.57
CA LEU A 382 6.74 10.47 -33.28
C LEU A 382 5.39 11.15 -33.50
N CYS A 383 5.22 11.79 -34.65
CA CYS A 383 3.98 12.46 -34.99
C CYS A 383 2.84 11.44 -35.05
N ASN A 384 3.21 10.17 -35.11
CA ASN A 384 2.28 9.07 -35.16
C ASN A 384 2.04 8.48 -33.75
N ARG A 385 2.87 8.87 -32.78
CA ARG A 385 2.74 8.38 -31.41
C ARG A 385 2.27 9.43 -30.42
N LEU A 386 1.53 10.43 -30.88
CA LEU A 386 1.08 11.44 -29.92
C LEU A 386 0.23 10.78 -28.84
N PRO A 387 0.40 11.20 -27.57
CA PRO A 387 -0.39 10.61 -26.50
C PRO A 387 -1.89 10.86 -26.69
N SER A 388 -2.62 9.77 -26.89
CA SER A 388 -4.06 9.83 -27.09
C SER A 388 -4.77 10.18 -25.79
N PRO A 389 -5.55 11.27 -25.78
CA PRO A 389 -6.31 11.76 -24.63
C PRO A 389 -7.66 11.06 -24.58
N MET A 390 -7.63 9.75 -24.76
CA MET A 390 -8.83 8.93 -24.82
C MET A 390 -8.34 7.49 -24.87
N GLY A 391 -7.94 7.06 -26.06
CA GLY A 391 -7.44 5.71 -26.25
C GLY A 391 -6.14 5.49 -25.52
N GLU A 392 -6.13 4.52 -24.62
CA GLU A 392 -4.96 4.19 -23.81
C GLU A 392 -3.77 3.79 -24.69
N SER A 393 -2.58 4.17 -24.26
CA SER A 393 -1.34 3.85 -24.97
C SER A 393 -0.96 2.39 -24.65
N ALA A 394 -1.72 1.48 -25.25
CA ALA A 394 -1.56 0.06 -25.03
C ALA A 394 -0.27 -0.49 -25.59
N VAL A 395 0.38 -1.34 -24.80
CA VAL A 395 1.61 -1.97 -25.22
C VAL A 395 1.37 -3.48 -25.25
N ASP A 396 2.15 -4.20 -26.06
CA ASP A 396 2.03 -5.65 -26.13
C ASP A 396 2.75 -6.15 -24.89
N CYS A 397 2.02 -6.93 -24.11
CA CYS A 397 2.49 -7.52 -22.85
C CYS A 397 3.68 -8.45 -22.96
N GLY A 398 3.87 -9.08 -24.12
CA GLY A 398 5.03 -9.95 -24.30
C GLY A 398 6.25 -9.09 -24.63
N SER A 399 5.99 -7.93 -25.20
CA SER A 399 7.02 -6.96 -25.59
C SER A 399 7.67 -6.21 -24.42
N LEU A 400 7.50 -6.70 -23.19
CA LEU A 400 8.09 -6.04 -22.05
C LEU A 400 9.53 -6.44 -21.97
N GLY A 401 9.83 -7.58 -22.56
CA GLY A 401 11.18 -8.13 -22.54
C GLY A 401 12.24 -7.28 -23.16
N SER A 402 11.87 -6.59 -24.24
CA SER A 402 12.81 -5.73 -24.95
C SER A 402 12.65 -4.24 -24.64
N MET A 403 11.94 -3.93 -23.56
CA MET A 403 11.73 -2.53 -23.22
C MET A 403 12.91 -1.94 -22.49
N PRO A 404 13.09 -0.63 -22.63
CA PRO A 404 14.17 0.09 -21.96
C PRO A 404 13.74 0.63 -20.59
N ASP A 405 14.56 0.41 -19.57
CA ASP A 405 14.26 0.97 -18.27
C ASP A 405 14.28 2.48 -18.47
N ILE A 406 13.30 3.21 -17.95
CA ILE A 406 13.39 4.64 -18.05
C ILE A 406 13.86 5.10 -16.65
N GLU A 407 14.50 6.26 -16.57
CA GLU A 407 15.03 6.81 -15.32
C GLU A 407 14.70 8.25 -15.25
N PHE A 408 14.79 8.81 -14.04
CA PHE A 408 14.50 10.23 -13.76
C PHE A 408 15.66 10.63 -12.88
N THR A 409 16.10 11.86 -12.98
CA THR A 409 17.20 12.27 -12.12
C THR A 409 16.63 13.15 -11.02
N ILE A 410 16.77 12.70 -9.78
CA ILE A 410 16.28 13.43 -8.61
C ILE A 410 17.40 13.38 -7.58
N GLY A 411 17.76 14.54 -7.04
CA GLY A 411 18.81 14.61 -6.03
C GLY A 411 20.22 14.27 -6.49
N GLY A 412 20.40 14.16 -7.80
CA GLY A 412 21.69 13.82 -8.37
C GLY A 412 21.62 12.35 -8.73
N LYS A 413 20.60 11.68 -8.22
CA LYS A 413 20.41 10.28 -8.46
C LYS A 413 19.46 10.00 -9.59
N LYS A 414 19.69 8.90 -10.30
CA LYS A 414 18.85 8.43 -11.38
C LYS A 414 18.00 7.32 -10.80
N PHE A 415 16.71 7.54 -10.69
CA PHE A 415 15.78 6.55 -10.17
C PHE A 415 15.17 5.81 -11.34
N ALA A 416 15.67 4.62 -11.61
CA ALA A 416 15.19 3.80 -12.73
C ALA A 416 13.86 3.14 -12.45
N LEU A 417 13.16 2.74 -13.51
CA LEU A 417 11.89 2.05 -13.42
C LEU A 417 11.94 0.99 -14.50
N LYS A 418 11.97 -0.27 -14.10
CA LYS A 418 12.04 -1.33 -15.07
C LYS A 418 10.71 -1.35 -15.77
N PRO A 419 10.68 -1.96 -16.96
CA PRO A 419 9.48 -2.09 -17.79
C PRO A 419 8.28 -2.76 -17.11
N GLU A 420 8.54 -3.55 -16.07
CA GLU A 420 7.48 -4.24 -15.35
C GLU A 420 6.95 -3.44 -14.18
N GLU A 421 7.49 -2.24 -14.02
CA GLU A 421 7.06 -1.32 -12.97
C GLU A 421 6.29 -0.18 -13.63
N TYR A 422 6.69 0.17 -14.86
CA TYR A 422 6.06 1.26 -15.61
C TYR A 422 5.00 0.91 -16.66
N ILE A 423 4.74 -0.37 -16.85
CA ILE A 423 3.71 -0.85 -17.76
C ILE A 423 2.71 -1.48 -16.81
N LEU A 424 1.42 -1.20 -16.98
CA LEU A 424 0.39 -1.77 -16.11
C LEU A 424 -0.40 -2.81 -16.89
N LYS A 425 -0.86 -3.85 -16.21
CA LYS A 425 -1.67 -4.87 -16.86
C LYS A 425 -3.09 -4.74 -16.29
N VAL A 426 -4.08 -4.52 -17.15
CA VAL A 426 -5.45 -4.38 -16.68
C VAL A 426 -6.42 -5.30 -17.40
N GLY A 427 -6.36 -6.59 -17.07
CA GLY A 427 -7.24 -7.54 -17.70
C GLY A 427 -7.02 -9.04 -17.52
N GLU A 428 -7.79 -9.81 -18.30
CA GLU A 428 -7.75 -11.27 -18.26
C GLU A 428 -6.59 -11.90 -19.04
N GLY A 429 -5.57 -12.34 -18.30
CA GLY A 429 -4.38 -12.99 -18.82
C GLY A 429 -4.09 -13.11 -20.32
N ALA A 430 -4.74 -14.07 -20.96
CA ALA A 430 -4.59 -14.34 -22.39
C ALA A 430 -4.90 -13.12 -23.26
N ALA A 431 -5.98 -12.43 -22.90
CA ALA A 431 -6.43 -11.25 -23.61
C ALA A 431 -6.30 -10.02 -22.71
N ALA A 432 -5.37 -10.07 -21.76
CA ALA A 432 -5.15 -8.96 -20.84
C ALA A 432 -4.87 -7.69 -21.63
N GLN A 433 -4.54 -6.61 -20.94
CA GLN A 433 -4.26 -5.37 -21.65
C GLN A 433 -3.27 -4.53 -20.88
N CYS A 434 -2.07 -4.44 -21.42
CA CYS A 434 -1.02 -3.65 -20.80
C CYS A 434 -1.07 -2.26 -21.35
N ILE A 435 -0.64 -1.29 -20.56
CA ILE A 435 -0.67 0.10 -20.98
C ILE A 435 0.51 0.83 -20.37
N SER A 436 1.02 1.85 -21.05
CA SER A 436 2.13 2.66 -20.54
C SER A 436 1.63 3.42 -19.34
N GLY A 437 2.30 3.30 -18.21
CA GLY A 437 1.89 4.03 -17.02
C GLY A 437 2.21 5.50 -17.06
N PHE A 438 2.18 6.10 -18.25
CA PHE A 438 2.48 7.52 -18.44
C PHE A 438 1.30 8.25 -19.07
N THR A 439 1.20 9.53 -18.76
CA THR A 439 0.12 10.37 -19.26
C THR A 439 0.77 11.65 -19.74
N ALA A 440 0.02 12.41 -20.54
CA ALA A 440 0.49 13.66 -21.06
C ALA A 440 -0.13 14.82 -20.32
N MET A 441 0.63 15.44 -19.45
CA MET A 441 0.12 16.59 -18.75
C MET A 441 1.05 17.62 -19.29
N ASP A 442 0.55 18.46 -20.19
CA ASP A 442 1.37 19.48 -20.77
C ASP A 442 1.71 20.53 -19.79
N ILE A 443 2.60 20.05 -18.96
CA ILE A 443 3.23 20.72 -17.88
C ILE A 443 2.81 22.14 -17.66
N PRO A 444 2.01 22.35 -16.62
CA PRO A 444 1.57 23.70 -16.30
C PRO A 444 2.63 24.75 -16.67
N PRO A 445 2.47 25.39 -17.85
CA PRO A 445 3.36 26.43 -18.36
C PRO A 445 3.62 27.39 -17.22
N PRO A 446 4.82 28.01 -17.15
CA PRO A 446 5.20 28.95 -16.09
C PRO A 446 4.81 28.66 -14.62
N ARG A 447 4.01 27.60 -14.42
CA ARG A 447 3.63 27.11 -13.11
C ARG A 447 4.59 25.90 -13.02
N GLY A 448 5.60 25.97 -13.89
CA GLY A 448 6.63 24.97 -13.96
C GLY A 448 6.32 23.79 -14.84
N PRO A 449 7.09 23.57 -15.93
CA PRO A 449 6.79 22.40 -16.75
C PRO A 449 6.98 21.23 -15.77
N LEU A 450 5.88 20.61 -15.36
CA LEU A 450 6.00 19.56 -14.41
C LEU A 450 5.41 18.18 -14.64
N TRP A 451 5.94 17.26 -13.84
CA TRP A 451 5.58 15.86 -13.80
C TRP A 451 4.81 15.63 -12.51
N ILE A 452 4.00 14.60 -12.52
CA ILE A 452 3.25 14.19 -11.36
C ILE A 452 3.66 12.75 -11.25
N LEU A 453 4.36 12.45 -10.17
CA LEU A 453 4.84 11.09 -9.91
C LEU A 453 3.91 10.45 -8.90
N GLY A 454 3.16 9.43 -9.34
CA GLY A 454 2.24 8.73 -8.44
C GLY A 454 2.62 7.27 -8.22
N ASP A 455 1.63 6.44 -7.89
CA ASP A 455 1.78 4.98 -7.65
C ASP A 455 2.83 4.29 -8.51
N VAL A 456 2.93 4.64 -9.79
CA VAL A 456 3.89 4.00 -10.69
C VAL A 456 5.35 4.25 -10.28
N PHE A 457 5.63 5.41 -9.67
CA PHE A 457 6.97 5.71 -9.15
C PHE A 457 6.98 5.44 -7.63
N MET A 458 6.01 5.99 -6.90
CA MET A 458 5.93 5.75 -5.46
C MET A 458 5.69 4.29 -5.07
N GLY A 459 5.42 3.45 -6.06
CA GLY A 459 5.25 2.02 -5.83
C GLY A 459 6.66 1.46 -5.63
N PRO A 460 7.56 1.65 -6.63
CA PRO A 460 8.92 1.14 -6.47
C PRO A 460 9.77 1.96 -5.48
N TYR A 461 9.37 3.20 -5.21
CA TYR A 461 10.13 4.06 -4.32
C TYR A 461 9.47 4.57 -3.07
N HIS A 462 9.98 4.11 -1.93
CA HIS A 462 9.47 4.51 -0.64
C HIS A 462 9.60 6.03 -0.54
N THR A 463 8.46 6.68 -0.36
CA THR A 463 8.41 8.11 -0.27
C THR A 463 8.13 8.58 1.15
N VAL A 464 8.86 9.60 1.57
CA VAL A 464 8.72 10.14 2.90
C VAL A 464 8.50 11.63 2.80
N PHE A 465 7.25 12.02 2.95
CA PHE A 465 6.90 13.42 2.90
C PHE A 465 7.31 13.99 4.26
N ASP A 466 8.36 14.80 4.23
CA ASP A 466 8.90 15.41 5.43
C ASP A 466 8.39 16.83 5.60
N TYR A 467 7.41 16.98 6.46
CA TYR A 467 6.78 18.27 6.71
C TYR A 467 7.62 19.24 7.53
N GLY A 468 8.32 18.73 8.54
CA GLY A 468 9.14 19.57 9.39
C GLY A 468 10.33 20.06 8.61
N LYS A 469 10.94 19.15 7.87
CA LYS A 469 12.10 19.47 7.04
C LYS A 469 11.65 19.80 5.61
N LEU A 470 10.35 20.06 5.43
CA LEU A 470 9.76 20.37 4.12
C LEU A 470 10.59 19.83 3.00
N ARG A 471 10.61 18.52 2.84
CA ARG A 471 11.35 17.90 1.78
C ARG A 471 10.72 16.57 1.60
N ILE A 472 10.98 15.96 0.45
CA ILE A 472 10.48 14.63 0.16
C ILE A 472 11.76 13.79 0.14
N GLY A 473 11.63 12.47 0.10
CA GLY A 473 12.80 11.62 0.05
C GLY A 473 12.39 10.30 -0.54
N PHE A 474 13.23 9.71 -1.39
CA PHE A 474 12.88 8.43 -2.00
C PHE A 474 13.91 7.38 -1.69
N ALA A 475 13.43 6.16 -1.45
CA ALA A 475 14.28 5.01 -1.18
C ALA A 475 13.70 3.86 -1.97
N LYS A 476 14.51 2.87 -2.29
CA LYS A 476 14.03 1.69 -3.01
C LYS A 476 13.00 1.01 -2.07
N ALA A 477 11.83 0.66 -2.56
CA ALA A 477 10.85 0.01 -1.69
C ALA A 477 11.34 -1.39 -1.51
N ALA A 478 11.03 -1.95 -0.35
CA ALA A 478 11.42 -3.30 -0.03
C ALA A 478 10.42 -4.24 -0.68
N VAL B 1 -17.09 -28.41 -0.76
CA VAL B 1 -16.97 -27.12 -1.52
C VAL B 1 -17.44 -25.92 -0.69
N ARG B 2 -16.52 -25.30 0.02
CA ARG B 2 -16.90 -24.15 0.83
C ARG B 2 -17.00 -22.95 -0.07
N ILE B 3 -17.81 -21.98 0.36
CA ILE B 3 -17.99 -20.73 -0.35
C ILE B 3 -18.28 -19.71 0.70
N ALA B 4 -17.27 -18.91 0.99
CA ALA B 4 -17.44 -17.84 1.96
C ALA B 4 -18.49 -16.86 1.43
N LEU B 5 -18.95 -15.96 2.29
CA LEU B 5 -19.94 -14.98 1.91
C LEU B 5 -19.61 -13.77 2.71
N LYS B 6 -19.86 -12.60 2.15
CA LYS B 6 -19.58 -11.37 2.85
C LYS B 6 -20.89 -10.78 3.28
N LYS B 7 -20.94 -10.30 4.50
CA LYS B 7 -22.13 -9.72 5.03
C LYS B 7 -21.88 -8.28 5.39
N ARG B 8 -22.70 -7.40 4.84
CA ARG B 8 -22.60 -5.99 5.10
C ARG B 8 -23.95 -5.56 5.64
N PRO B 9 -24.02 -4.35 6.19
CA PRO B 9 -25.31 -3.89 6.70
C PRO B 9 -26.19 -3.58 5.50
N ILE B 10 -27.49 -3.80 5.64
CA ILE B 10 -28.44 -3.51 4.57
C ILE B 10 -28.11 -2.10 4.10
N ASP B 11 -28.14 -1.85 2.79
CA ASP B 11 -27.81 -0.51 2.28
C ASP B 11 -28.99 0.45 2.16
N ARG B 12 -28.93 1.55 2.90
CA ARG B 12 -29.99 2.55 2.87
C ARG B 12 -30.15 3.21 1.49
N ASN B 13 -29.05 3.40 0.78
CA ASN B 13 -29.07 4.00 -0.55
C ASN B 13 -29.86 3.13 -1.49
N SER B 14 -29.69 1.82 -1.34
CA SER B 14 -30.40 0.85 -2.18
C SER B 14 -31.88 0.84 -1.83
N ARG B 15 -32.23 1.14 -0.58
CA ARG B 15 -33.62 1.18 -0.17
C ARG B 15 -34.27 2.44 -0.67
N VAL B 16 -33.60 3.58 -0.52
CA VAL B 16 -34.11 4.87 -0.98
C VAL B 16 -34.17 4.96 -2.50
N ALA B 17 -33.33 4.22 -3.21
CA ALA B 17 -33.33 4.22 -4.67
C ALA B 17 -34.47 3.38 -5.15
N THR B 18 -34.65 2.24 -4.51
CA THR B 18 -35.74 1.34 -4.83
C THR B 18 -37.11 1.90 -4.44
N GLY B 19 -37.13 2.90 -3.56
CA GLY B 19 -38.37 3.53 -3.15
C GLY B 19 -38.77 4.68 -4.05
N LEU B 20 -37.83 5.12 -4.89
CA LEU B 20 -38.03 6.21 -5.85
C LEU B 20 -38.56 5.66 -7.17
N SER B 21 -38.31 4.38 -7.41
CA SER B 21 -38.76 3.72 -8.62
C SER B 21 -40.26 3.45 -8.57
N GLY B 22 -40.71 2.80 -7.61
N GLU B 38 -50.48 -11.47 -3.54
CA GLU B 38 -50.24 -10.64 -4.73
C GLU B 38 -49.64 -11.56 -5.79
N GLU B 39 -49.82 -11.20 -7.04
CA GLU B 39 -49.32 -11.99 -8.17
C GLU B 39 -49.98 -13.35 -8.30
N GLU B 40 -49.90 -13.89 -9.51
CA GLU B 40 -50.44 -15.20 -9.81
C GLU B 40 -49.72 -16.16 -8.87
N GLY B 41 -48.43 -15.89 -8.66
CA GLY B 41 -47.64 -16.73 -7.79
C GLY B 41 -46.17 -16.54 -8.07
N ASP B 42 -45.81 -16.52 -9.36
CA ASP B 42 -44.42 -16.37 -9.81
C ASP B 42 -43.70 -15.34 -8.96
N ILE B 43 -42.99 -15.85 -7.95
CA ILE B 43 -42.25 -15.03 -7.01
C ILE B 43 -41.07 -14.34 -7.65
N VAL B 44 -40.44 -14.96 -8.64
CA VAL B 44 -39.29 -14.33 -9.27
C VAL B 44 -39.67 -12.93 -9.74
N ALA B 45 -40.87 -12.80 -10.31
CA ALA B 45 -41.38 -11.51 -10.78
C ALA B 45 -41.82 -10.57 -9.67
N LEU B 46 -41.58 -10.95 -8.43
CA LEU B 46 -41.94 -10.16 -7.26
C LEU B 46 -40.70 -9.90 -6.42
N LYS B 47 -39.56 -10.54 -6.76
CA LYS B 47 -38.32 -10.39 -6.00
C LYS B 47 -37.80 -8.99 -5.99
N ASN B 48 -37.26 -8.61 -4.84
CA ASN B 48 -36.68 -7.31 -4.60
C ASN B 48 -35.44 -7.62 -3.76
N TYR B 49 -34.26 -7.41 -4.32
CA TYR B 49 -33.04 -7.68 -3.61
C TYR B 49 -32.47 -6.50 -2.84
N MET B 50 -33.33 -5.56 -2.46
CA MET B 50 -32.86 -4.37 -1.76
C MET B 50 -32.45 -4.57 -0.32
N ASN B 51 -32.69 -5.74 0.23
CA ASN B 51 -32.29 -5.94 1.62
C ASN B 51 -31.13 -6.90 1.74
N ALA B 52 -30.58 -7.31 0.59
CA ALA B 52 -29.47 -8.23 0.53
C ALA B 52 -28.32 -7.74 1.37
N GLN B 53 -27.72 -8.68 2.09
CA GLN B 53 -26.58 -8.42 2.96
C GLN B 53 -25.53 -9.53 2.92
N TYR B 54 -25.77 -10.55 2.09
CA TYR B 54 -24.87 -11.70 1.94
C TYR B 54 -24.52 -11.93 0.49
N PHE B 55 -23.26 -11.64 0.18
CA PHE B 55 -22.68 -11.75 -1.15
C PHE B 55 -21.57 -12.80 -1.24
N GLY B 56 -21.77 -13.74 -2.16
CA GLY B 56 -20.77 -14.76 -2.43
C GLY B 56 -19.93 -14.11 -3.51
N GLU B 57 -19.21 -14.89 -4.30
CA GLU B 57 -18.36 -14.31 -5.35
C GLU B 57 -17.96 -15.47 -6.21
N ILE B 58 -18.13 -15.32 -7.52
CA ILE B 58 -17.79 -16.38 -8.47
C ILE B 58 -16.92 -15.83 -9.59
N GLY B 59 -16.51 -16.73 -10.47
CA GLY B 59 -15.71 -16.31 -11.59
C GLY B 59 -16.24 -17.06 -12.77
N VAL B 60 -16.39 -16.34 -13.87
CA VAL B 60 -16.89 -16.86 -15.13
C VAL B 60 -15.73 -16.91 -16.13
N GLY B 61 -15.69 -17.96 -16.95
CA GLY B 61 -14.65 -18.09 -17.96
C GLY B 61 -13.30 -18.57 -17.48
N THR B 62 -12.34 -18.55 -18.39
CA THR B 62 -10.97 -18.99 -18.10
C THR B 62 -9.97 -18.09 -18.78
N PRO B 63 -9.18 -17.33 -18.00
CA PRO B 63 -9.22 -17.33 -16.54
C PRO B 63 -10.58 -16.86 -16.04
N PRO B 64 -10.88 -17.16 -14.77
CA PRO B 64 -12.16 -16.74 -14.20
C PRO B 64 -12.26 -15.22 -13.99
N GLN B 65 -13.32 -14.64 -14.55
CA GLN B 65 -13.62 -13.24 -14.42
C GLN B 65 -14.48 -13.14 -13.14
N LYS B 66 -14.00 -12.38 -12.15
CA LYS B 66 -14.68 -12.26 -10.87
C LYS B 66 -15.92 -11.37 -10.73
N PHE B 67 -17.03 -12.01 -10.34
CA PHE B 67 -18.33 -11.37 -10.16
C PHE B 67 -18.96 -11.62 -8.80
N THR B 68 -19.34 -10.53 -8.14
CA THR B 68 -19.98 -10.60 -6.85
C THR B 68 -21.40 -11.01 -7.16
N VAL B 69 -21.87 -12.08 -6.50
CA VAL B 69 -23.25 -12.53 -6.71
C VAL B 69 -23.96 -12.85 -5.41
N ILE B 70 -25.27 -12.93 -5.50
CA ILE B 70 -26.15 -13.28 -4.39
C ILE B 70 -26.57 -14.69 -4.75
N PHE B 71 -26.31 -15.64 -3.85
CA PHE B 71 -26.72 -17.01 -4.14
C PHE B 71 -28.21 -17.05 -3.71
N ASP B 72 -29.06 -17.33 -4.69
CA ASP B 72 -30.51 -17.29 -4.54
C ASP B 72 -31.25 -18.60 -4.83
N THR B 73 -31.74 -19.25 -3.80
CA THR B 73 -32.50 -20.49 -3.93
C THR B 73 -33.92 -20.16 -4.46
N GLY B 74 -34.25 -18.86 -4.45
CA GLY B 74 -35.56 -18.40 -4.92
C GLY B 74 -35.75 -18.32 -6.41
N SER B 75 -34.67 -18.51 -7.15
CA SER B 75 -34.73 -18.51 -8.60
C SER B 75 -33.76 -19.56 -9.13
N SER B 76 -33.72 -19.77 -10.43
CA SER B 76 -32.83 -20.77 -10.98
C SER B 76 -32.01 -20.34 -12.21
N ASN B 77 -31.77 -19.03 -12.35
CA ASN B 77 -31.01 -18.47 -13.47
C ASN B 77 -29.73 -17.78 -13.07
N LEU B 78 -28.66 -17.96 -13.86
CA LEU B 78 -27.37 -17.31 -13.60
C LEU B 78 -27.31 -16.13 -14.55
N TRP B 79 -26.90 -14.96 -14.06
CA TRP B 79 -26.77 -13.78 -14.91
C TRP B 79 -25.76 -12.84 -14.32
N VAL B 80 -25.00 -12.22 -15.22
CA VAL B 80 -23.95 -11.26 -14.88
C VAL B 80 -24.03 -10.23 -15.97
N PRO B 81 -23.54 -9.01 -15.71
CA PRO B 81 -23.61 -8.01 -16.76
C PRO B 81 -22.59 -8.29 -17.86
N SER B 82 -22.99 -8.05 -19.11
CA SER B 82 -22.14 -8.32 -20.26
C SER B 82 -21.38 -7.10 -20.71
N ALA B 83 -20.20 -7.36 -21.29
CA ALA B 83 -19.31 -6.33 -21.81
C ALA B 83 -19.93 -5.63 -23.01
N LYS B 84 -20.88 -6.30 -23.63
CA LYS B 84 -21.62 -5.76 -24.76
C LYS B 84 -22.62 -4.67 -24.29
N CYS B 85 -22.63 -4.38 -22.99
CA CYS B 85 -23.48 -3.30 -22.45
C CYS B 85 -22.58 -2.20 -22.91
N TYR B 86 -23.03 -1.45 -23.91
CA TYR B 86 -22.20 -0.42 -24.48
C TYR B 86 -22.02 1.01 -24.04
N PHE B 87 -23.03 1.85 -24.28
CA PHE B 87 -22.83 3.26 -24.00
C PHE B 87 -23.35 3.97 -22.76
N SER B 88 -24.35 3.40 -22.09
CA SER B 88 -24.85 4.07 -20.88
C SER B 88 -23.76 4.03 -19.83
N ILE B 89 -23.42 5.21 -19.27
CA ILE B 89 -22.39 5.37 -18.24
C ILE B 89 -22.59 4.33 -17.12
N ALA B 90 -23.82 3.81 -17.07
CA ALA B 90 -24.24 2.78 -16.12
C ALA B 90 -23.49 1.47 -16.33
N CYS B 91 -23.19 1.11 -17.57
CA CYS B 91 -22.46 -0.11 -17.91
C CYS B 91 -21.13 -0.21 -17.13
N TYR B 92 -20.52 0.93 -16.88
CA TYR B 92 -19.23 0.97 -16.20
C TYR B 92 -19.31 0.96 -14.66
N LEU B 93 -20.51 0.74 -14.14
CA LEU B 93 -20.73 0.71 -12.70
C LEU B 93 -20.54 -0.68 -12.11
N HIS B 94 -20.57 -1.72 -12.94
CA HIS B 94 -20.41 -3.07 -12.41
C HIS B 94 -19.49 -3.88 -13.26
N SER B 95 -18.71 -4.76 -12.63
CA SER B 95 -17.81 -5.65 -13.34
C SER B 95 -18.64 -6.31 -14.45
N ARG B 96 -18.18 -6.22 -15.69
CA ARG B 96 -18.89 -6.82 -16.78
C ARG B 96 -18.10 -7.98 -17.29
N TYR B 97 -18.76 -8.89 -17.98
CA TYR B 97 -18.12 -10.07 -18.46
C TYR B 97 -17.63 -9.87 -19.88
N LYS B 98 -16.44 -10.38 -20.19
CA LYS B 98 -15.89 -10.24 -21.53
C LYS B 98 -15.74 -11.63 -22.14
N ALA B 99 -16.68 -11.98 -23.02
CA ALA B 99 -16.69 -13.27 -23.69
C ALA B 99 -15.40 -13.56 -24.44
N GLY B 100 -14.70 -12.50 -24.84
CA GLY B 100 -13.46 -12.62 -25.60
C GLY B 100 -12.14 -12.60 -24.85
N ALA B 101 -12.18 -12.60 -23.53
CA ALA B 101 -10.95 -12.60 -22.73
C ALA B 101 -10.73 -13.96 -22.07
N SER B 102 -11.70 -14.85 -22.22
CA SER B 102 -11.63 -16.18 -21.62
C SER B 102 -11.57 -17.28 -22.69
N SER B 103 -10.67 -18.23 -22.47
CA SER B 103 -10.45 -19.36 -23.38
C SER B 103 -11.32 -20.62 -23.17
N THR B 104 -12.49 -20.47 -22.54
CA THR B 104 -13.38 -21.63 -22.32
C THR B 104 -14.80 -21.29 -22.79
N TYR B 105 -14.99 -20.01 -23.12
CA TYR B 105 -16.24 -19.46 -23.58
C TYR B 105 -16.79 -20.11 -24.85
N LYS B 106 -18.10 -19.98 -25.05
CA LYS B 106 -18.79 -20.54 -26.20
C LYS B 106 -20.09 -19.76 -26.41
N LYS B 107 -20.48 -19.56 -27.65
CA LYS B 107 -21.70 -18.81 -27.97
C LYS B 107 -23.00 -19.57 -27.65
N ASN B 108 -24.11 -18.86 -27.85
CA ASN B 108 -25.47 -19.36 -27.64
C ASN B 108 -26.39 -18.27 -28.20
N GLY B 109 -26.19 -17.04 -27.71
CA GLY B 109 -26.95 -15.90 -28.17
C GLY B 109 -28.46 -15.97 -28.05
N LYS B 110 -28.96 -17.05 -27.42
CA LYS B 110 -30.39 -17.25 -27.24
C LYS B 110 -30.79 -16.16 -26.27
N PRO B 111 -31.68 -15.24 -26.71
CA PRO B 111 -32.15 -14.13 -25.87
C PRO B 111 -32.59 -14.50 -24.48
N ALA B 112 -32.44 -13.55 -23.56
CA ALA B 112 -32.81 -13.77 -22.18
C ALA B 112 -33.28 -12.52 -21.51
N ALA B 113 -34.35 -12.67 -20.75
CA ALA B 113 -34.92 -11.56 -20.01
C ALA B 113 -35.55 -12.16 -18.77
N ILE B 114 -35.30 -11.53 -17.62
CA ILE B 114 -35.86 -12.00 -16.35
C ILE B 114 -36.56 -10.81 -15.71
N GLN B 115 -37.85 -10.98 -15.43
CA GLN B 115 -38.62 -9.93 -14.79
C GLN B 115 -38.60 -10.20 -13.31
N TYR B 116 -38.08 -9.23 -12.56
CA TYR B 116 -38.01 -9.29 -11.11
C TYR B 116 -38.98 -8.21 -10.62
N GLY B 117 -39.32 -8.21 -9.34
CA GLY B 117 -40.24 -7.22 -8.84
C GLY B 117 -39.69 -5.80 -8.88
N THR B 118 -38.37 -5.68 -8.82
CA THR B 118 -37.70 -4.38 -8.86
C THR B 118 -37.43 -3.93 -10.29
N GLY B 119 -37.00 -4.87 -11.13
CA GLY B 119 -36.72 -4.57 -12.51
C GLY B 119 -36.36 -5.77 -13.37
N SER B 120 -35.92 -5.52 -14.58
CA SER B 120 -35.58 -6.58 -15.49
C SER B 120 -34.10 -6.52 -15.85
N ILE B 121 -33.66 -7.60 -16.45
CA ILE B 121 -32.32 -7.76 -16.93
C ILE B 121 -32.58 -8.51 -18.24
N ALA B 122 -31.93 -8.05 -19.31
CA ALA B 122 -32.07 -8.68 -20.63
C ALA B 122 -30.69 -8.85 -21.24
N GLY B 123 -30.54 -9.90 -22.05
CA GLY B 123 -29.27 -10.16 -22.71
C GLY B 123 -29.43 -11.41 -23.55
N TYR B 124 -28.50 -12.33 -23.44
CA TYR B 124 -28.60 -13.56 -24.16
C TYR B 124 -27.80 -14.58 -23.42
N PHE B 125 -27.99 -15.83 -23.78
CA PHE B 125 -27.28 -16.91 -23.13
C PHE B 125 -25.87 -17.05 -23.69
N SER B 126 -25.08 -17.88 -23.02
CA SER B 126 -23.70 -18.16 -23.42
C SER B 126 -23.26 -19.24 -22.43
N GLU B 127 -22.31 -20.07 -22.84
CA GLU B 127 -21.78 -21.10 -21.95
C GLU B 127 -20.36 -20.71 -21.66
N ASP B 128 -19.85 -21.14 -20.53
CA ASP B 128 -18.49 -20.85 -20.17
C ASP B 128 -18.26 -21.76 -18.97
N SER B 129 -17.13 -21.61 -18.30
CA SER B 129 -16.89 -22.44 -17.15
C SER B 129 -16.93 -21.55 -15.92
N VAL B 130 -17.69 -21.98 -14.92
CA VAL B 130 -17.86 -21.22 -13.69
C VAL B 130 -17.08 -21.80 -12.53
N THR B 131 -16.29 -20.95 -11.88
CA THR B 131 -15.52 -21.37 -10.73
C THR B 131 -16.26 -20.95 -9.46
N VAL B 132 -16.94 -21.91 -8.86
CA VAL B 132 -17.71 -21.69 -7.66
C VAL B 132 -16.76 -22.00 -6.50
N GLY B 133 -16.20 -20.96 -5.92
CA GLY B 133 -15.28 -21.15 -4.81
C GLY B 133 -14.00 -21.83 -5.22
N ASP B 134 -14.08 -23.11 -5.57
CA ASP B 134 -12.91 -23.89 -5.97
C ASP B 134 -13.25 -25.08 -6.89
N LEU B 135 -14.34 -24.96 -7.63
CA LEU B 135 -14.78 -26.00 -8.54
C LEU B 135 -15.04 -25.30 -9.88
N VAL B 136 -14.89 -26.01 -11.00
CA VAL B 136 -15.17 -25.36 -12.27
C VAL B 136 -16.22 -26.17 -12.98
N VAL B 137 -17.30 -25.49 -13.34
CA VAL B 137 -18.43 -26.11 -14.00
C VAL B 137 -18.37 -25.92 -15.51
N LYS B 138 -17.94 -26.97 -16.20
CA LYS B 138 -17.85 -26.96 -17.65
C LYS B 138 -19.19 -26.59 -18.27
N ASP B 139 -19.13 -26.01 -19.45
CA ASP B 139 -20.32 -25.61 -20.19
C ASP B 139 -21.54 -25.01 -19.45
N GLN B 140 -21.27 -24.29 -18.37
CA GLN B 140 -22.33 -23.63 -17.61
C GLN B 140 -22.88 -22.48 -18.45
N GLU B 141 -24.19 -22.51 -18.73
CA GLU B 141 -24.81 -21.45 -19.51
C GLU B 141 -25.46 -20.45 -18.59
N PHE B 142 -25.24 -19.19 -18.92
CA PHE B 142 -25.76 -18.08 -18.17
C PHE B 142 -26.34 -17.05 -19.10
N ILE B 143 -26.65 -15.89 -18.55
CA ILE B 143 -27.21 -14.79 -19.31
C ILE B 143 -26.24 -13.67 -19.09
N GLU B 144 -25.85 -13.06 -20.20
CA GLU B 144 -24.96 -11.92 -20.18
C GLU B 144 -25.98 -10.81 -20.36
N ALA B 145 -26.27 -10.11 -19.28
CA ALA B 145 -27.23 -9.03 -19.35
C ALA B 145 -26.62 -7.87 -20.14
N THR B 146 -27.06 -7.74 -21.38
CA THR B 146 -26.58 -6.71 -22.29
C THR B 146 -27.27 -5.37 -22.01
N LYS B 147 -28.59 -5.38 -21.98
CA LYS B 147 -29.33 -4.15 -21.73
C LYS B 147 -29.25 -3.81 -20.25
N GLU B 148 -29.43 -2.54 -19.91
CA GLU B 148 -29.35 -2.08 -18.52
C GLU B 148 -30.63 -2.00 -17.58
N PRO B 149 -31.69 -1.24 -18.00
CA PRO B 149 -32.96 -0.98 -17.29
C PRO B 149 -33.27 -1.41 -15.84
N GLY B 150 -32.55 -0.80 -14.91
CA GLY B 150 -32.77 -1.06 -13.50
C GLY B 150 -32.08 0.00 -12.66
N ILE B 151 -32.84 0.87 -12.00
CA ILE B 151 -32.25 1.85 -11.09
C ILE B 151 -31.83 1.00 -9.88
N THR B 152 -32.64 -0.02 -9.59
CA THR B 152 -32.40 -0.94 -8.50
C THR B 152 -31.08 -1.71 -8.75
N PHE B 153 -30.98 -2.37 -9.90
CA PHE B 153 -29.77 -3.11 -10.20
C PHE B 153 -28.51 -2.22 -10.42
N LEU B 154 -28.71 -0.96 -10.80
CA LEU B 154 -27.61 -0.03 -11.00
C LEU B 154 -26.95 0.25 -9.68
N VAL B 155 -27.78 0.55 -8.68
CA VAL B 155 -27.34 0.86 -7.31
C VAL B 155 -26.98 -0.36 -6.46
N ALA B 156 -27.44 -1.54 -6.86
CA ALA B 156 -27.16 -2.77 -6.11
C ALA B 156 -25.65 -2.95 -6.01
N LYS B 157 -25.19 -3.49 -4.88
CA LYS B 157 -23.76 -3.71 -4.70
C LYS B 157 -23.36 -5.14 -4.97
N PHE B 158 -23.86 -5.69 -6.07
CA PHE B 158 -23.57 -7.04 -6.51
C PHE B 158 -23.70 -6.98 -7.99
N ASP B 159 -22.99 -7.86 -8.68
CA ASP B 159 -22.97 -7.90 -10.14
C ASP B 159 -24.10 -8.73 -10.71
N GLY B 160 -24.28 -9.92 -10.18
CA GLY B 160 -25.34 -10.76 -10.70
C GLY B 160 -26.06 -11.56 -9.66
N ILE B 161 -26.67 -12.66 -10.09
CA ILE B 161 -27.43 -13.53 -9.22
C ILE B 161 -27.19 -14.94 -9.73
N LEU B 162 -27.02 -15.87 -8.78
CA LEU B 162 -26.81 -17.27 -9.09
C LEU B 162 -27.95 -18.01 -8.46
N GLY B 163 -28.96 -18.27 -9.26
CA GLY B 163 -30.13 -18.98 -8.79
C GLY B 163 -29.73 -20.37 -8.35
N LEU B 164 -30.48 -20.89 -7.38
CA LEU B 164 -30.17 -22.18 -6.82
C LEU B 164 -31.37 -23.10 -6.79
N GLY B 165 -32.42 -22.72 -7.48
CA GLY B 165 -33.61 -23.54 -7.52
C GLY B 165 -33.52 -24.60 -8.60
N PHE B 166 -34.67 -24.99 -9.11
CA PHE B 166 -34.76 -26.02 -10.12
C PHE B 166 -34.87 -25.36 -11.46
N LYS B 167 -34.45 -26.06 -12.52
CA LYS B 167 -34.56 -25.54 -13.89
C LYS B 167 -36.03 -25.29 -14.19
N GLU B 168 -36.90 -25.94 -13.45
CA GLU B 168 -38.35 -25.81 -13.60
C GLU B 168 -38.89 -24.37 -13.64
N ILE B 169 -38.23 -23.43 -12.98
CA ILE B 169 -38.67 -22.03 -12.99
C ILE B 169 -37.56 -21.14 -13.55
N SER B 170 -36.71 -21.74 -14.37
CA SER B 170 -35.58 -21.03 -14.97
C SER B 170 -35.99 -20.49 -16.34
N VAL B 171 -35.67 -19.22 -16.58
CA VAL B 171 -35.94 -18.56 -17.84
C VAL B 171 -35.03 -19.26 -18.85
N GLY B 172 -35.63 -19.73 -19.94
CA GLY B 172 -34.86 -20.45 -20.95
C GLY B 172 -34.54 -21.89 -20.58
N LYS B 173 -34.85 -22.26 -19.34
CA LYS B 173 -34.63 -23.60 -18.84
C LYS B 173 -33.18 -23.91 -18.51
N ALA B 174 -32.40 -22.87 -18.26
CA ALA B 174 -30.99 -23.05 -17.93
C ALA B 174 -30.80 -24.04 -16.79
N VAL B 175 -29.91 -25.01 -16.98
CA VAL B 175 -29.63 -26.01 -15.97
C VAL B 175 -28.83 -25.31 -14.86
N PRO B 176 -29.41 -25.24 -13.65
CA PRO B 176 -28.73 -24.59 -12.53
C PRO B 176 -27.33 -25.11 -12.31
N VAL B 177 -26.47 -24.24 -11.78
CA VAL B 177 -25.07 -24.54 -11.53
C VAL B 177 -24.95 -25.69 -10.54
N TRP B 178 -25.93 -25.81 -9.67
CA TRP B 178 -25.95 -26.89 -8.70
C TRP B 178 -26.25 -28.20 -9.43
N TYR B 179 -27.16 -28.13 -10.40
CA TYR B 179 -27.54 -29.30 -11.20
C TYR B 179 -26.27 -29.92 -11.78
N LYS B 180 -25.43 -29.06 -12.37
CA LYS B 180 -24.17 -29.47 -13.00
C LYS B 180 -23.14 -30.02 -12.05
N MET B 181 -22.79 -29.27 -11.00
CA MET B 181 -21.83 -29.75 -10.02
C MET B 181 -22.04 -31.22 -9.69
N ILE B 182 -23.28 -31.58 -9.37
CA ILE B 182 -23.63 -32.96 -9.02
C ILE B 182 -23.63 -33.86 -10.24
N GLU B 183 -24.25 -33.40 -11.32
CA GLU B 183 -24.35 -34.14 -12.59
C GLU B 183 -23.00 -34.43 -13.27
N GLN B 184 -21.99 -33.63 -12.94
CA GLN B 184 -20.67 -33.84 -13.52
C GLN B 184 -19.81 -34.67 -12.54
N GLY B 185 -19.92 -34.44 -11.24
CA GLY B 185 -19.13 -35.22 -10.30
C GLY B 185 -18.37 -34.40 -9.27
N LEU B 186 -18.60 -33.09 -9.29
CA LEU B 186 -17.95 -32.14 -8.40
C LEU B 186 -18.55 -32.21 -6.99
N VAL B 187 -19.67 -32.93 -6.88
CA VAL B 187 -20.42 -33.09 -5.62
C VAL B 187 -20.57 -34.54 -5.16
N SER B 188 -20.34 -34.76 -3.86
CA SER B 188 -20.45 -36.06 -3.22
C SER B 188 -21.94 -36.38 -2.95
N ASP B 189 -22.54 -35.62 -2.04
CA ASP B 189 -23.94 -35.75 -1.66
C ASP B 189 -24.72 -34.67 -2.40
N PRO B 190 -25.85 -35.03 -3.01
CA PRO B 190 -26.68 -34.08 -3.75
C PRO B 190 -27.43 -33.12 -2.83
N VAL B 191 -26.67 -32.34 -2.09
CA VAL B 191 -27.20 -31.37 -1.16
C VAL B 191 -26.23 -30.21 -0.98
N PHE B 192 -26.74 -29.03 -0.73
CA PHE B 192 -25.90 -27.87 -0.49
C PHE B 192 -26.51 -27.10 0.64
N SER B 193 -25.75 -26.93 1.69
CA SER B 193 -26.29 -26.23 2.80
C SER B 193 -25.88 -24.77 2.77
N PHE B 194 -26.45 -24.01 3.69
CA PHE B 194 -26.21 -22.60 3.85
C PHE B 194 -26.04 -22.36 5.32
N TRP B 195 -25.15 -21.47 5.66
CA TRP B 195 -24.97 -21.08 7.03
C TRP B 195 -24.64 -19.61 6.86
N LEU B 196 -25.53 -18.77 7.33
CA LEU B 196 -25.36 -17.33 7.29
C LEU B 196 -25.33 -16.99 8.75
N ASN B 197 -24.39 -16.19 9.18
CA ASN B 197 -24.39 -15.82 10.58
C ASN B 197 -23.33 -14.84 10.95
N ARG B 198 -23.74 -13.94 11.82
CA ARG B 198 -22.89 -12.90 12.35
C ARG B 198 -23.46 -12.76 13.76
N HIS B 199 -22.57 -12.54 14.71
CA HIS B 199 -22.95 -12.40 16.10
C HIS B 199 -22.65 -10.97 16.58
N VAL B 200 -21.68 -10.38 16.06
N GLY B 205 -19.54 -13.04 7.94
CA GLY B 205 -20.08 -13.52 6.63
C GLY B 205 -21.06 -14.69 6.69
N GLY B 206 -20.60 -15.85 6.27
CA GLY B 206 -21.42 -17.04 6.25
C GLY B 206 -20.68 -18.00 5.36
N GLU B 207 -21.33 -19.05 4.91
CA GLU B 207 -20.67 -20.01 4.05
C GLU B 207 -21.72 -20.92 3.47
N ILE B 208 -21.52 -21.27 2.22
CA ILE B 208 -22.39 -22.20 1.54
C ILE B 208 -21.53 -23.40 1.28
N ILE B 209 -22.15 -24.56 1.15
CA ILE B 209 -21.39 -25.76 0.90
C ILE B 209 -22.19 -26.62 -0.05
N PHE B 210 -21.61 -26.90 -1.19
CA PHE B 210 -22.29 -27.74 -2.15
C PHE B 210 -21.70 -29.11 -1.94
N GLY B 211 -22.53 -30.12 -2.13
CA GLY B 211 -22.14 -31.50 -1.95
C GLY B 211 -22.07 -31.96 -0.51
N GLY B 212 -22.67 -31.21 0.41
CA GLY B 212 -22.59 -31.63 1.80
C GLY B 212 -22.96 -30.57 2.82
N MET B 213 -22.48 -30.71 4.05
CA MET B 213 -22.81 -29.75 5.09
C MET B 213 -21.81 -29.86 6.22
N ASP B 214 -21.73 -28.80 7.03
CA ASP B 214 -20.79 -28.76 8.11
C ASP B 214 -21.44 -28.72 9.50
N PRO B 215 -21.15 -29.72 10.34
CA PRO B 215 -21.73 -29.72 11.68
C PRO B 215 -21.25 -28.58 12.54
N LYS B 216 -20.13 -27.97 12.19
CA LYS B 216 -19.61 -26.84 12.98
C LYS B 216 -20.58 -25.67 12.89
N HIS B 217 -21.44 -25.76 11.86
CA HIS B 217 -22.44 -24.75 11.53
C HIS B 217 -23.81 -24.84 12.20
N TYR B 218 -24.34 -26.03 12.38
CA TYR B 218 -25.64 -26.13 13.02
C TYR B 218 -25.54 -26.65 14.42
N VAL B 219 -26.66 -26.58 15.13
CA VAL B 219 -26.80 -27.02 16.52
C VAL B 219 -28.02 -27.95 16.59
N GLY B 220 -27.79 -29.19 17.04
CA GLY B 220 -28.88 -30.13 17.14
C GLY B 220 -29.21 -30.81 15.83
N GLU B 221 -30.44 -31.31 15.70
CA GLU B 221 -30.84 -31.99 14.49
C GLU B 221 -31.55 -31.05 13.52
N HIS B 222 -31.86 -31.60 12.33
CA HIS B 222 -32.54 -30.88 11.28
C HIS B 222 -33.89 -31.50 11.14
N THR B 223 -34.90 -30.67 10.93
CA THR B 223 -36.24 -31.15 10.75
C THR B 223 -36.38 -31.03 9.24
N TYR B 224 -36.66 -32.16 8.59
CA TYR B 224 -36.79 -32.24 7.13
C TYR B 224 -38.21 -32.38 6.65
N VAL B 225 -38.60 -31.46 5.78
CA VAL B 225 -39.91 -31.46 5.20
C VAL B 225 -39.68 -31.66 3.71
N PRO B 226 -40.46 -32.53 3.07
CA PRO B 226 -40.34 -32.81 1.64
C PRO B 226 -40.76 -31.64 0.75
N VAL B 227 -40.08 -31.49 -0.40
CA VAL B 227 -40.41 -30.44 -1.34
C VAL B 227 -41.78 -30.80 -1.87
N THR B 228 -42.68 -29.83 -1.77
CA THR B 228 -44.07 -29.96 -2.20
C THR B 228 -44.16 -29.93 -3.73
N GLN B 229 -43.51 -28.94 -4.33
CA GLN B 229 -43.48 -28.80 -5.79
C GLN B 229 -42.09 -28.33 -6.23
N LYS B 230 -41.55 -28.99 -7.26
CA LYS B 230 -40.24 -28.64 -7.79
C LYS B 230 -40.36 -27.39 -8.65
N GLY B 231 -39.66 -26.33 -8.25
CA GLY B 231 -39.64 -25.08 -8.97
C GLY B 231 -38.84 -24.20 -8.05
N TYR B 232 -39.42 -23.95 -6.89
CA TYR B 232 -38.77 -23.20 -5.86
C TYR B 232 -38.57 -24.34 -4.89
N TRP B 233 -37.89 -24.06 -3.80
CA TRP B 233 -37.70 -25.04 -2.76
C TRP B 233 -38.97 -24.79 -1.92
N GLN B 234 -40.04 -25.43 -2.37
CA GLN B 234 -41.34 -25.30 -1.77
C GLN B 234 -41.63 -26.50 -0.86
N PHE B 235 -42.29 -26.21 0.25
CA PHE B 235 -42.65 -27.22 1.23
C PHE B 235 -43.95 -26.81 1.91
N ASP B 236 -44.37 -27.59 2.89
CA ASP B 236 -45.58 -27.27 3.62
C ASP B 236 -45.21 -26.75 4.96
N MET B 237 -46.08 -25.94 5.52
CA MET B 237 -45.82 -25.31 6.78
C MET B 237 -47.12 -25.31 7.58
N GLY B 238 -47.02 -25.22 8.90
CA GLY B 238 -48.22 -25.23 9.70
C GLY B 238 -48.60 -23.87 10.24
N ASP B 239 -48.99 -23.87 11.51
CA ASP B 239 -49.44 -22.67 12.20
C ASP B 239 -48.38 -21.74 12.70
N VAL B 240 -48.60 -20.46 12.45
CA VAL B 240 -47.70 -19.41 12.88
C VAL B 240 -48.29 -18.83 14.16
N LEU B 241 -47.61 -19.05 15.27
CA LEU B 241 -48.05 -18.54 16.55
C LEU B 241 -47.28 -17.24 16.73
N VAL B 242 -47.85 -16.29 17.43
CA VAL B 242 -47.16 -15.04 17.71
C VAL B 242 -47.40 -14.87 19.18
N GLY B 243 -46.31 -14.85 19.94
CA GLY B 243 -46.44 -14.71 21.38
C GLY B 243 -47.02 -15.96 21.99
N GLY B 244 -47.08 -17.03 21.20
CA GLY B 244 -47.62 -18.28 21.69
C GLY B 244 -49.08 -18.46 21.31
N LYS B 245 -49.73 -17.38 20.91
CA LYS B 245 -51.14 -17.41 20.52
C LYS B 245 -51.18 -17.63 19.01
N SER B 246 -52.15 -18.40 18.53
CA SER B 246 -52.22 -18.66 17.09
C SER B 246 -52.88 -17.58 16.24
N THR B 247 -52.42 -17.49 15.00
CA THR B 247 -52.90 -16.52 14.03
C THR B 247 -53.89 -17.14 13.04
N GLY B 248 -54.19 -18.42 13.26
CA GLY B 248 -55.18 -19.14 12.47
C GLY B 248 -55.05 -19.40 10.99
N PHE B 249 -54.88 -18.33 10.23
CA PHE B 249 -54.74 -18.41 8.76
C PHE B 249 -54.01 -19.65 8.27
N CYS B 250 -52.86 -19.94 8.90
CA CYS B 250 -52.06 -21.08 8.47
C CYS B 250 -52.19 -22.37 9.23
N ALA B 251 -52.80 -22.31 10.41
CA ALA B 251 -52.99 -23.48 11.26
C ALA B 251 -53.36 -24.76 10.51
N GLY B 252 -54.21 -24.62 9.49
CA GLY B 252 -54.64 -25.78 8.71
C GLY B 252 -53.66 -26.22 7.64
N GLY B 253 -52.69 -25.36 7.35
CA GLY B 253 -51.70 -25.66 6.34
C GLY B 253 -51.43 -24.46 5.47
N CYS B 254 -50.16 -24.12 5.32
CA CYS B 254 -49.70 -23.00 4.51
C CYS B 254 -48.46 -23.42 3.73
N ALA B 255 -48.37 -23.01 2.48
CA ALA B 255 -47.21 -23.35 1.68
C ALA B 255 -46.11 -22.31 1.93
N ALA B 256 -44.86 -22.77 1.97
CA ALA B 256 -43.76 -21.87 2.20
C ALA B 256 -42.70 -22.13 1.17
N ILE B 257 -41.76 -21.20 1.02
CA ILE B 257 -40.65 -21.30 0.08
C ILE B 257 -39.48 -20.72 0.82
N ALA B 258 -38.35 -21.45 0.86
CA ALA B 258 -37.12 -21.00 1.51
C ALA B 258 -36.33 -20.24 0.41
N ASP B 259 -36.26 -18.92 0.51
CA ASP B 259 -35.60 -18.07 -0.50
C ASP B 259 -34.40 -17.35 0.09
N SER B 260 -33.20 -17.82 -0.24
CA SER B 260 -31.98 -17.20 0.26
C SER B 260 -31.79 -15.82 -0.31
N GLY B 261 -32.38 -15.59 -1.49
CA GLY B 261 -32.29 -14.31 -2.15
C GLY B 261 -33.07 -13.13 -1.59
N THR B 262 -33.61 -13.26 -0.39
CA THR B 262 -34.35 -12.18 0.25
C THR B 262 -34.17 -12.28 1.74
N SER B 263 -34.29 -11.16 2.43
CA SER B 263 -34.16 -11.14 3.88
C SER B 263 -35.56 -11.31 4.48
N LEU B 264 -36.43 -10.36 4.19
CA LEU B 264 -37.79 -10.32 4.70
C LEU B 264 -38.64 -11.57 4.61
N LEU B 265 -39.56 -11.73 5.56
CA LEU B 265 -40.45 -12.88 5.57
C LEU B 265 -41.79 -12.37 5.02
N ALA B 266 -42.29 -13.00 3.95
CA ALA B 266 -43.54 -12.57 3.32
C ALA B 266 -44.66 -13.56 3.45
N GLY B 267 -45.73 -13.13 4.09
CA GLY B 267 -46.85 -14.02 4.26
C GLY B 267 -48.18 -13.33 4.37
N PRO B 268 -49.23 -14.12 4.60
CA PRO B 268 -50.61 -13.68 4.73
C PRO B 268 -50.81 -12.36 5.46
N THR B 269 -51.46 -11.43 4.77
CA THR B 269 -51.78 -10.11 5.30
C THR B 269 -52.60 -10.24 6.57
N ALA B 270 -53.50 -11.22 6.60
CA ALA B 270 -54.32 -11.47 7.79
C ALA B 270 -53.42 -11.89 8.99
N ILE B 271 -52.25 -12.47 8.70
CA ILE B 271 -51.32 -12.86 9.73
C ILE B 271 -50.35 -11.72 10.14
N ILE B 272 -49.84 -10.96 9.16
CA ILE B 272 -48.90 -9.85 9.39
C ILE B 272 -49.58 -8.80 10.26
N THR B 273 -50.89 -8.65 10.07
CA THR B 273 -51.72 -7.72 10.83
C THR B 273 -51.64 -8.02 12.32
N GLU B 274 -51.78 -9.29 12.66
CA GLU B 274 -51.67 -9.76 14.04
C GLU B 274 -50.29 -9.28 14.55
N ILE B 275 -49.26 -9.70 13.83
CA ILE B 275 -47.87 -9.37 14.13
C ILE B 275 -47.72 -7.87 14.26
N ASN B 276 -48.33 -7.09 13.37
CA ASN B 276 -48.19 -5.63 13.44
C ASN B 276 -48.77 -5.09 14.72
N GLU B 277 -49.79 -5.77 15.25
CA GLU B 277 -50.41 -5.35 16.50
C GLU B 277 -49.53 -5.68 17.69
N LYS B 278 -49.15 -6.95 17.81
CA LYS B 278 -48.30 -7.39 18.93
C LYS B 278 -46.85 -6.91 18.84
N ILE B 279 -46.30 -6.88 17.63
CA ILE B 279 -44.91 -6.43 17.39
C ILE B 279 -44.80 -4.94 17.62
N GLY B 280 -45.74 -4.16 17.10
CA GLY B 280 -45.70 -2.72 17.29
C GLY B 280 -45.32 -1.90 16.07
N ALA B 281 -45.59 -2.43 14.87
CA ALA B 281 -45.29 -1.75 13.62
C ALA B 281 -46.57 -1.16 13.14
N ALA B 282 -46.58 0.15 13.01
CA ALA B 282 -47.75 0.84 12.51
C ALA B 282 -47.97 0.37 11.08
N GLY B 283 -49.25 0.20 10.74
CA GLY B 283 -49.64 -0.20 9.41
C GLY B 283 -50.63 0.86 8.99
N VAL B 284 -51.55 0.53 8.09
CA VAL B 284 -52.58 1.47 7.62
C VAL B 284 -53.97 1.09 8.12
N VAL B 285 -54.85 2.08 8.21
CA VAL B 285 -56.20 1.83 8.67
C VAL B 285 -57.12 1.46 7.54
N SER B 286 -57.72 0.28 7.67
CA SER B 286 -58.62 -0.24 6.67
C SER B 286 -60.05 0.19 7.00
N GLN B 287 -60.52 1.25 6.34
CA GLN B 287 -61.89 1.71 6.59
C GLN B 287 -62.86 0.56 6.39
N GLU B 288 -62.69 -0.23 5.32
CA GLU B 288 -63.58 -1.37 5.11
C GLU B 288 -63.48 -2.44 6.20
N CYS B 289 -62.54 -2.27 7.13
CA CYS B 289 -62.37 -3.19 8.25
C CYS B 289 -63.09 -2.53 9.42
N LYS B 290 -62.73 -1.28 9.69
CA LYS B 290 -63.36 -0.49 10.76
C LYS B 290 -64.88 -0.43 10.54
N THR B 291 -65.31 -0.45 9.29
CA THR B 291 -66.72 -0.38 8.94
C THR B 291 -67.41 -1.74 8.98
N ILE B 292 -66.66 -2.80 8.74
CA ILE B 292 -67.20 -4.15 8.77
C ILE B 292 -67.25 -4.65 10.21
N VAL B 293 -66.79 -3.82 11.12
CA VAL B 293 -66.76 -4.18 12.53
C VAL B 293 -67.92 -3.56 13.30
N SER B 294 -68.23 -2.32 13.02
CA SER B 294 -69.36 -1.67 13.68
C SER B 294 -70.67 -2.20 13.11
N GLN B 295 -70.82 -2.14 11.80
CA GLN B 295 -72.03 -2.58 11.13
C GLN B 295 -72.34 -4.06 11.19
N TYR B 296 -71.31 -4.90 11.26
CA TYR B 296 -71.51 -6.37 11.30
C TYR B 296 -70.69 -7.12 12.35
N GLY B 297 -70.02 -6.38 13.21
CA GLY B 297 -69.19 -7.01 14.22
C GLY B 297 -69.93 -7.98 15.11
N GLN B 298 -70.95 -7.47 15.80
CA GLN B 298 -71.72 -8.31 16.71
C GLN B 298 -72.40 -9.46 15.99
N GLN B 299 -72.78 -9.25 14.75
CA GLN B 299 -73.46 -10.29 13.98
C GLN B 299 -72.56 -11.49 13.68
N ILE B 300 -71.31 -11.20 13.34
CA ILE B 300 -70.30 -12.21 13.01
C ILE B 300 -69.97 -13.01 14.28
N LEU B 301 -69.70 -12.30 15.36
CA LEU B 301 -69.37 -12.94 16.63
C LEU B 301 -70.43 -13.94 17.01
N ASP B 302 -71.70 -13.54 16.84
CA ASP B 302 -72.84 -14.39 17.18
C ASP B 302 -72.91 -15.65 16.31
N LEU B 303 -72.68 -15.49 15.01
CA LEU B 303 -72.70 -16.62 14.07
C LEU B 303 -71.55 -17.56 14.36
N LEU B 304 -70.47 -16.99 14.88
CA LEU B 304 -69.29 -17.74 15.26
C LEU B 304 -69.59 -18.45 16.60
N LEU B 305 -70.25 -17.73 17.50
CA LEU B 305 -70.61 -18.26 18.81
C LEU B 305 -71.61 -19.37 18.65
N ALA B 306 -72.52 -19.20 17.68
CA ALA B 306 -73.57 -20.18 17.40
C ALA B 306 -73.11 -21.25 16.39
N GLU B 307 -71.83 -21.63 16.48
CA GLU B 307 -71.20 -22.64 15.63
C GLU B 307 -71.57 -22.65 14.13
N THR B 308 -71.75 -21.48 13.54
CA THR B 308 -72.07 -21.40 12.11
C THR B 308 -70.81 -21.65 11.29
N GLN B 309 -70.99 -22.18 10.08
CA GLN B 309 -69.87 -22.48 9.18
C GLN B 309 -69.04 -21.23 8.89
N PRO B 310 -67.78 -21.20 9.35
CA PRO B 310 -66.83 -20.09 9.19
C PRO B 310 -66.69 -19.48 7.79
N LYS B 311 -66.66 -20.32 6.76
CA LYS B 311 -66.54 -19.84 5.39
C LYS B 311 -67.82 -19.20 4.89
N LYS B 312 -68.94 -19.63 5.48
CA LYS B 312 -70.25 -19.15 5.10
C LYS B 312 -70.84 -18.04 5.95
N ILE B 313 -70.19 -17.63 7.03
CA ILE B 313 -70.80 -16.58 7.82
C ILE B 313 -70.70 -15.25 7.10
N CYS B 314 -69.61 -15.02 6.38
CA CYS B 314 -69.47 -13.76 5.64
C CYS B 314 -70.52 -13.69 4.56
N SER B 315 -70.63 -14.77 3.80
CA SER B 315 -71.61 -14.87 2.74
C SER B 315 -73.02 -14.80 3.34
N GLN B 316 -73.17 -15.41 4.52
CA GLN B 316 -74.45 -15.43 5.22
C GLN B 316 -74.85 -14.04 5.75
N VAL B 317 -73.86 -13.23 6.12
CA VAL B 317 -74.14 -11.86 6.56
C VAL B 317 -74.32 -11.03 5.28
N GLY B 318 -73.80 -11.58 4.17
CA GLY B 318 -73.93 -10.96 2.86
C GLY B 318 -72.80 -10.17 2.24
N LEU B 319 -71.73 -9.91 3.01
CA LEU B 319 -70.60 -9.12 2.49
C LEU B 319 -69.90 -9.76 1.31
N CYS B 320 -69.93 -11.08 1.28
CA CYS B 320 -69.31 -11.85 0.21
C CYS B 320 -70.45 -12.51 -0.57
N THR B 321 -70.94 -13.56 -0.11
N ALA B 348 -68.47 -6.62 -1.71
CA ALA B 348 -67.36 -6.19 -2.62
C ALA B 348 -66.10 -6.95 -2.23
N ASP B 349 -65.14 -7.11 -3.15
CA ASP B 349 -63.90 -7.83 -2.81
C ASP B 349 -63.23 -7.22 -1.58
N PRO B 350 -62.84 -5.92 -1.61
CA PRO B 350 -62.22 -5.28 -0.45
C PRO B 350 -63.04 -5.41 0.85
N MET B 351 -64.36 -5.38 0.71
CA MET B 351 -65.29 -5.50 1.82
C MET B 351 -65.48 -6.97 2.20
N CYS B 352 -65.29 -7.86 1.23
CA CYS B 352 -65.42 -9.28 1.44
C CYS B 352 -64.14 -9.72 2.12
N SER B 353 -63.01 -9.53 1.44
CA SER B 353 -61.72 -9.89 2.02
C SER B 353 -61.62 -9.30 3.43
N ALA B 354 -62.13 -8.08 3.62
CA ALA B 354 -62.12 -7.45 4.93
C ALA B 354 -62.99 -8.30 5.85
N CYS B 355 -64.12 -8.77 5.32
CA CYS B 355 -65.03 -9.62 6.10
C CYS B 355 -64.32 -10.90 6.50
N GLU B 356 -63.58 -11.50 5.57
CA GLU B 356 -62.84 -12.74 5.80
C GLU B 356 -61.74 -12.56 6.82
N MET B 357 -61.03 -11.44 6.71
CA MET B 357 -59.96 -11.16 7.63
C MET B 357 -60.56 -11.06 9.02
N ALA B 358 -61.71 -10.40 9.09
CA ALA B 358 -62.45 -10.21 10.33
C ALA B 358 -62.83 -11.53 10.98
N VAL B 359 -63.41 -12.46 10.22
CA VAL B 359 -63.81 -13.73 10.80
C VAL B 359 -62.65 -14.64 11.16
N VAL B 360 -61.47 -14.33 10.59
CA VAL B 360 -60.25 -15.08 10.89
C VAL B 360 -59.79 -14.58 12.23
N TRP B 361 -59.74 -13.26 12.36
CA TRP B 361 -59.30 -12.65 13.61
C TRP B 361 -60.20 -12.96 14.81
N MET B 362 -61.52 -13.09 14.58
CA MET B 362 -62.48 -13.39 15.66
C MET B 362 -62.33 -14.82 16.15
N GLN B 363 -62.13 -15.75 15.21
CA GLN B 363 -61.94 -17.16 15.52
C GLN B 363 -60.69 -17.38 16.38
N ASN B 364 -59.66 -16.57 16.16
CA ASN B 364 -58.42 -16.67 16.93
C ASN B 364 -58.60 -16.20 18.37
N GLN B 365 -59.38 -15.13 18.53
CA GLN B 365 -59.67 -14.58 19.85
C GLN B 365 -60.50 -15.60 20.61
N LEU B 366 -61.49 -16.16 19.92
CA LEU B 366 -62.36 -17.17 20.46
C LEU B 366 -61.52 -18.37 20.88
N ALA B 367 -60.79 -18.94 19.93
CA ALA B 367 -59.94 -20.09 20.20
C ALA B 367 -58.88 -19.79 21.25
N GLN B 368 -58.52 -18.51 21.39
CA GLN B 368 -57.51 -18.09 22.35
C GLN B 368 -58.15 -17.88 23.71
N ASN B 369 -59.49 -17.88 23.70
CA ASN B 369 -60.31 -17.70 24.89
C ASN B 369 -60.24 -16.28 25.44
N LYS B 370 -60.64 -15.33 24.61
CA LYS B 370 -60.67 -13.94 25.00
C LYS B 370 -62.14 -13.73 25.35
N THR B 371 -62.42 -13.19 26.53
CA THR B 371 -63.81 -12.98 26.91
C THR B 371 -64.45 -12.18 25.76
N GLN B 372 -65.54 -12.71 25.20
CA GLN B 372 -66.25 -12.11 24.07
C GLN B 372 -66.40 -10.59 23.98
N ASP B 373 -66.48 -9.92 25.12
CA ASP B 373 -66.62 -8.47 25.12
C ASP B 373 -65.36 -7.81 24.55
N LEU B 374 -64.22 -8.28 25.04
CA LEU B 374 -62.90 -7.80 24.64
C LEU B 374 -62.64 -7.94 23.14
N ILE B 375 -63.13 -9.04 22.56
CA ILE B 375 -62.94 -9.35 21.15
C ILE B 375 -63.17 -8.25 20.13
N LEU B 376 -64.38 -7.74 20.06
CA LEU B 376 -64.70 -6.71 19.08
C LEU B 376 -63.75 -5.53 19.06
N ASP B 377 -63.38 -5.03 20.23
CA ASP B 377 -62.47 -3.87 20.30
C ASP B 377 -61.07 -4.25 19.84
N TYR B 378 -60.75 -5.54 19.92
CA TYR B 378 -59.44 -6.02 19.49
C TYR B 378 -59.44 -6.16 17.97
N VAL B 379 -60.41 -6.87 17.42
CA VAL B 379 -60.52 -7.06 15.97
C VAL B 379 -60.74 -5.75 15.27
N ASN B 380 -60.93 -4.69 16.05
CA ASN B 380 -61.13 -3.33 15.55
C ASN B 380 -59.80 -2.60 15.70
N GLN B 381 -58.98 -3.04 16.64
CA GLN B 381 -57.67 -2.44 16.85
C GLN B 381 -56.76 -2.97 15.72
N LEU B 382 -57.02 -4.20 15.26
CA LEU B 382 -56.28 -4.78 14.17
C LEU B 382 -56.63 -4.02 12.90
N CYS B 383 -57.75 -3.29 12.89
CA CYS B 383 -58.14 -2.51 11.69
C CYS B 383 -57.16 -1.37 11.46
N ASN B 384 -56.48 -0.97 12.53
CA ASN B 384 -55.55 0.13 12.49
C ASN B 384 -54.10 -0.30 12.18
N ARG B 385 -53.93 -1.50 11.60
CA ARG B 385 -52.60 -2.01 11.35
C ARG B 385 -52.36 -2.89 10.16
N LEU B 386 -53.16 -2.73 9.11
CA LEU B 386 -52.96 -3.55 7.92
C LEU B 386 -51.60 -3.13 7.36
N PRO B 387 -50.83 -4.08 6.84
CA PRO B 387 -49.52 -3.70 6.31
C PRO B 387 -49.52 -2.44 5.44
N SER B 388 -48.69 -1.47 5.85
CA SER B 388 -48.52 -0.18 5.17
C SER B 388 -48.45 -0.39 3.66
N PRO B 389 -48.98 0.55 2.87
CA PRO B 389 -48.98 0.39 1.41
C PRO B 389 -49.06 -1.08 0.91
N MET B 390 -49.79 -1.89 1.68
CA MET B 390 -50.00 -3.32 1.42
C MET B 390 -48.72 -4.20 1.50
N GLY B 391 -47.81 -3.83 2.40
CA GLY B 391 -46.58 -4.58 2.59
C GLY B 391 -45.33 -3.81 3.02
N GLU B 392 -45.26 -3.42 4.29
CA GLU B 392 -44.12 -2.67 4.89
C GLU B 392 -44.48 -2.18 6.30
N SER B 393 -43.48 -1.81 7.10
CA SER B 393 -43.74 -1.31 8.47
C SER B 393 -42.53 -0.99 9.37
N ALA B 394 -42.52 0.22 9.92
CA ALA B 394 -41.44 0.66 10.81
C ALA B 394 -41.73 0.30 12.27
N VAL B 395 -40.67 0.03 13.04
CA VAL B 395 -40.80 -0.35 14.45
C VAL B 395 -39.82 0.39 15.34
N ASP B 396 -40.21 0.68 16.57
CA ASP B 396 -39.33 1.40 17.47
C ASP B 396 -38.17 0.59 18.00
N CYS B 397 -36.96 1.04 17.69
CA CYS B 397 -35.76 0.36 18.19
C CYS B 397 -35.87 0.52 19.72
N GLY B 398 -35.48 -0.49 20.48
CA GLY B 398 -35.61 -0.38 21.92
C GLY B 398 -36.96 -0.85 22.44
N SER B 399 -37.90 -1.09 21.53
CA SER B 399 -39.22 -1.60 21.87
C SER B 399 -39.09 -3.11 21.74
N LEU B 400 -37.94 -3.56 21.25
CA LEU B 400 -37.66 -4.98 21.05
C LEU B 400 -37.79 -5.78 22.34
N GLY B 401 -37.57 -5.12 23.48
CA GLY B 401 -37.66 -5.81 24.75
C GLY B 401 -39.08 -6.23 25.16
N SER B 402 -40.05 -5.55 24.56
CA SER B 402 -41.46 -5.81 24.83
C SER B 402 -42.19 -6.55 23.70
N MET B 403 -41.44 -7.11 22.76
CA MET B 403 -42.05 -7.81 21.65
C MET B 403 -41.93 -9.28 21.94
N PRO B 404 -42.80 -10.10 21.33
CA PRO B 404 -42.83 -11.56 21.50
C PRO B 404 -42.10 -12.37 20.42
N ASP B 405 -42.01 -13.68 20.63
CA ASP B 405 -41.37 -14.59 19.67
C ASP B 405 -42.44 -15.08 18.73
N ILE B 406 -42.18 -15.01 17.44
CA ILE B 406 -43.15 -15.48 16.50
C ILE B 406 -42.63 -16.85 16.08
N GLU B 407 -43.53 -17.82 16.08
CA GLU B 407 -43.15 -19.15 15.73
C GLU B 407 -43.85 -19.66 14.54
N PHE B 408 -43.06 -20.34 13.73
CA PHE B 408 -43.51 -20.99 12.53
C PHE B 408 -43.48 -22.42 13.00
N THR B 409 -44.26 -23.26 12.37
CA THR B 409 -44.29 -24.64 12.75
C THR B 409 -43.90 -25.31 11.48
N ILE B 410 -42.80 -26.04 11.48
CA ILE B 410 -42.35 -26.73 10.28
C ILE B 410 -42.09 -28.20 10.62
N GLY B 411 -42.85 -29.09 9.99
CA GLY B 411 -42.65 -30.51 10.24
C GLY B 411 -42.82 -30.92 11.68
N GLY B 412 -43.74 -30.24 12.37
CA GLY B 412 -44.02 -30.56 13.74
C GLY B 412 -43.31 -29.75 14.79
N LYS B 413 -42.22 -29.11 14.42
CA LYS B 413 -41.50 -28.32 15.40
C LYS B 413 -41.83 -26.86 15.24
N LYS B 414 -41.76 -26.15 16.35
CA LYS B 414 -42.04 -24.72 16.37
C LYS B 414 -40.69 -24.03 16.30
N PHE B 415 -40.36 -23.50 15.12
CA PHE B 415 -39.09 -22.80 14.93
C PHE B 415 -39.29 -21.36 15.32
N ALA B 416 -38.73 -20.98 16.45
CA ALA B 416 -38.89 -19.61 16.97
C ALA B 416 -37.92 -18.49 16.55
N LEU B 417 -38.50 -17.32 16.31
CA LEU B 417 -37.75 -16.11 15.97
C LEU B 417 -38.05 -15.08 17.06
N LYS B 418 -37.03 -14.39 17.53
CA LYS B 418 -37.22 -13.38 18.57
C LYS B 418 -37.01 -11.96 18.04
N PRO B 419 -37.43 -10.96 18.83
CA PRO B 419 -37.30 -9.56 18.48
C PRO B 419 -36.01 -9.23 17.76
N GLU B 420 -34.90 -9.53 18.42
CA GLU B 420 -33.58 -9.29 17.87
C GLU B 420 -33.43 -9.94 16.50
N GLU B 421 -34.03 -11.11 16.32
CA GLU B 421 -33.92 -11.85 15.05
C GLU B 421 -34.81 -11.45 13.88
N TYR B 422 -36.04 -11.02 14.14
CA TYR B 422 -36.93 -10.68 13.06
C TYR B 422 -37.13 -9.18 12.87
N ILE B 423 -36.40 -8.37 13.63
CA ILE B 423 -36.47 -6.92 13.47
C ILE B 423 -35.13 -6.49 12.84
N LEU B 424 -35.16 -5.70 11.76
CA LEU B 424 -33.94 -5.27 11.09
C LEU B 424 -33.61 -3.83 11.43
N LYS B 425 -32.32 -3.50 11.43
CA LYS B 425 -31.88 -2.13 11.70
C LYS B 425 -31.09 -1.74 10.47
N VAL B 426 -31.35 -0.54 9.95
CA VAL B 426 -30.61 -0.05 8.80
C VAL B 426 -29.86 1.14 9.34
N GLY B 427 -28.58 1.23 9.05
CA GLY B 427 -27.80 2.34 9.57
C GLY B 427 -27.48 2.11 11.02
N GLU B 428 -27.05 3.15 11.73
CA GLU B 428 -26.69 3.00 13.13
C GLU B 428 -26.78 4.33 13.92
N GLY B 429 -26.54 4.22 15.24
CA GLY B 429 -26.57 5.38 16.11
C GLY B 429 -27.95 6.02 16.25
N ALA B 430 -28.02 7.31 15.96
CA ALA B 430 -29.28 8.06 16.00
C ALA B 430 -29.92 7.88 14.62
N ALA B 431 -29.16 7.30 13.69
CA ALA B 431 -29.58 7.02 12.32
C ALA B 431 -30.09 5.59 12.14
N ALA B 432 -30.26 4.87 13.25
CA ALA B 432 -30.73 3.49 13.20
C ALA B 432 -32.24 3.40 13.05
N GLN B 433 -32.68 2.81 11.94
CA GLN B 433 -34.10 2.63 11.70
C GLN B 433 -34.40 1.14 11.79
N CYS B 434 -35.28 0.75 12.71
CA CYS B 434 -35.62 -0.64 12.86
C CYS B 434 -36.94 -0.87 12.15
N ILE B 435 -37.02 -1.95 11.40
CA ILE B 435 -38.22 -2.27 10.67
C ILE B 435 -38.66 -3.69 10.96
N SER B 436 -39.92 -3.98 10.70
CA SER B 436 -40.39 -5.34 10.91
C SER B 436 -39.69 -6.15 9.80
N GLY B 437 -39.48 -7.43 10.05
CA GLY B 437 -38.85 -8.28 9.05
C GLY B 437 -39.89 -9.04 8.27
N PHE B 438 -41.17 -8.67 8.41
CA PHE B 438 -42.28 -9.33 7.71
C PHE B 438 -42.99 -8.38 6.75
N THR B 439 -43.42 -8.88 5.58
CA THR B 439 -44.21 -8.11 4.62
C THR B 439 -45.42 -8.95 4.25
N ALA B 440 -46.44 -8.29 3.73
CA ALA B 440 -47.66 -8.97 3.34
C ALA B 440 -47.62 -9.40 1.91
N MET B 441 -47.77 -10.69 1.67
CA MET B 441 -47.80 -11.18 0.33
C MET B 441 -49.01 -12.07 0.33
N ASP B 442 -49.97 -11.75 -0.52
CA ASP B 442 -51.13 -12.56 -0.50
C ASP B 442 -51.45 -13.68 -1.42
N ILE B 443 -51.88 -14.70 -0.72
CA ILE B 443 -52.40 -15.94 -1.20
C ILE B 443 -52.47 -16.11 -2.70
N PRO B 444 -51.39 -16.56 -3.32
CA PRO B 444 -51.63 -16.76 -4.75
C PRO B 444 -52.87 -17.74 -4.74
N PRO B 445 -54.09 -17.18 -4.91
CA PRO B 445 -55.40 -17.87 -4.90
C PRO B 445 -55.55 -19.41 -4.91
N PRO B 446 -55.35 -20.10 -6.06
CA PRO B 446 -55.46 -21.57 -6.10
C PRO B 446 -54.10 -22.19 -5.79
N ARG B 447 -53.07 -21.34 -5.82
CA ARG B 447 -51.70 -21.72 -5.51
C ARG B 447 -51.60 -21.62 -3.99
N GLY B 448 -52.75 -21.27 -3.39
CA GLY B 448 -52.89 -21.14 -1.96
C GLY B 448 -52.00 -20.08 -1.39
N PRO B 449 -52.13 -19.80 -0.09
CA PRO B 449 -51.33 -18.78 0.61
C PRO B 449 -49.88 -19.24 0.54
N LEU B 450 -48.94 -18.32 0.65
CA LEU B 450 -47.56 -18.72 0.58
C LEU B 450 -46.69 -17.84 1.43
N TRP B 451 -45.71 -18.47 2.07
CA TRP B 451 -44.78 -17.76 2.90
C TRP B 451 -43.44 -17.82 2.21
N ILE B 452 -42.75 -16.69 2.14
CA ILE B 452 -41.44 -16.67 1.55
C ILE B 452 -40.56 -16.52 2.75
N LEU B 453 -39.67 -17.48 2.97
CA LEU B 453 -38.74 -17.44 4.08
C LEU B 453 -37.33 -17.06 3.63
N GLY B 454 -36.90 -15.86 3.96
CA GLY B 454 -35.57 -15.44 3.59
C GLY B 454 -34.73 -15.20 4.83
N ASP B 455 -33.55 -14.59 4.63
CA ASP B 455 -32.60 -14.27 5.70
C ASP B 455 -33.12 -14.15 7.13
N VAL B 456 -34.23 -13.46 7.32
CA VAL B 456 -34.77 -13.28 8.66
C VAL B 456 -34.96 -14.61 9.38
N PHE B 457 -35.22 -15.65 8.60
CA PHE B 457 -35.38 -16.99 9.13
C PHE B 457 -34.18 -17.90 8.79
N MET B 458 -33.66 -17.82 7.56
CA MET B 458 -32.52 -18.66 7.14
C MET B 458 -31.21 -18.43 7.86
N GLY B 459 -31.11 -17.27 8.51
CA GLY B 459 -29.91 -16.94 9.26
C GLY B 459 -29.91 -17.68 10.57
N PRO B 460 -30.95 -17.49 11.41
CA PRO B 460 -31.05 -18.18 12.71
C PRO B 460 -31.21 -19.70 12.51
N TYR B 461 -31.63 -20.09 11.32
CA TYR B 461 -31.84 -21.50 11.06
C TYR B 461 -31.09 -22.06 9.87
N HIS B 462 -30.04 -22.81 10.19
CA HIS B 462 -29.22 -23.48 9.20
C HIS B 462 -30.18 -24.30 8.32
N THR B 463 -30.07 -24.09 7.01
CA THR B 463 -30.93 -24.73 6.03
C THR B 463 -30.16 -25.67 5.11
N VAL B 464 -30.73 -26.84 4.87
CA VAL B 464 -30.13 -27.88 4.03
C VAL B 464 -31.08 -28.17 2.85
N PHE B 465 -30.66 -27.78 1.66
CA PHE B 465 -31.42 -27.99 0.46
C PHE B 465 -30.99 -29.33 -0.08
N ASP B 466 -31.85 -30.34 0.12
CA ASP B 466 -31.54 -31.70 -0.27
C ASP B 466 -32.16 -32.10 -1.59
N TYR B 467 -31.44 -31.86 -2.67
CA TYR B 467 -31.91 -32.18 -4.01
C TYR B 467 -32.12 -33.66 -4.27
N GLY B 468 -31.30 -34.51 -3.67
CA GLY B 468 -31.45 -35.92 -3.92
C GLY B 468 -32.70 -36.50 -3.29
N LYS B 469 -32.83 -36.27 -1.99
CA LYS B 469 -33.95 -36.74 -1.21
C LYS B 469 -35.10 -35.75 -1.35
N LEU B 470 -34.85 -34.62 -2.03
CA LEU B 470 -35.82 -33.55 -2.24
C LEU B 470 -36.55 -33.09 -0.99
N ARG B 471 -35.81 -32.41 -0.11
CA ARG B 471 -36.37 -31.90 1.12
C ARG B 471 -35.51 -30.76 1.65
N ILE B 472 -36.05 -30.00 2.59
CA ILE B 472 -35.31 -28.88 3.16
C ILE B 472 -35.20 -29.23 4.64
N GLY B 473 -34.06 -28.97 5.26
CA GLY B 473 -33.91 -29.27 6.69
C GLY B 473 -33.46 -28.05 7.44
N PHE B 474 -34.14 -27.67 8.52
CA PHE B 474 -33.76 -26.49 9.31
C PHE B 474 -33.17 -26.94 10.63
N ALA B 475 -32.30 -26.13 11.22
CA ALA B 475 -31.67 -26.46 12.51
C ALA B 475 -31.21 -25.18 13.19
N LYS B 476 -31.18 -25.15 14.52
CA LYS B 476 -30.74 -23.94 15.22
C LYS B 476 -29.29 -23.67 14.82
N ALA B 477 -29.08 -22.77 13.88
CA ALA B 477 -27.74 -22.47 13.45
C ALA B 477 -27.08 -21.68 14.54
N ALA B 478 -25.77 -21.86 14.68
CA ALA B 478 -25.02 -21.12 15.67
C ALA B 478 -23.72 -20.79 14.98
N VAL C 1 29.98 24.62 17.05
CA VAL C 1 31.23 24.74 17.86
C VAL C 1 32.34 23.87 17.29
N ARG C 2 33.56 24.17 17.72
CA ARG C 2 34.72 23.45 17.27
C ARG C 2 35.41 22.94 18.51
N ILE C 3 35.88 21.71 18.43
CA ILE C 3 36.59 21.12 19.55
C ILE C 3 37.95 20.63 19.06
N ALA C 4 38.96 21.07 19.81
CA ALA C 4 40.35 20.76 19.58
C ALA C 4 40.67 19.28 19.69
N LEU C 5 41.56 18.83 18.83
CA LEU C 5 42.04 17.47 18.83
C LEU C 5 43.55 17.51 19.00
N LYS C 6 44.13 16.35 19.29
CA LYS C 6 45.56 16.26 19.51
C LYS C 6 46.07 14.98 18.90
N LYS C 7 47.02 15.14 17.99
CA LYS C 7 47.60 13.96 17.39
C LYS C 7 48.65 13.45 18.41
N ARG C 8 48.46 12.21 18.83
CA ARG C 8 49.37 11.54 19.73
C ARG C 8 49.68 10.34 18.88
N PRO C 9 50.94 10.24 18.41
CA PRO C 9 51.43 9.15 17.56
C PRO C 9 51.45 7.76 18.24
N ILE C 10 51.95 6.76 17.52
CA ILE C 10 52.05 5.40 18.05
C ILE C 10 53.43 5.18 18.75
N ASP C 11 53.45 4.31 19.76
CA ASP C 11 54.67 4.05 20.54
C ASP C 11 55.03 2.57 20.74
N ARG C 12 55.84 2.31 21.77
CA ARG C 12 56.30 0.97 22.16
C ARG C 12 55.12 0.14 22.67
N ASN C 13 54.66 0.43 23.88
CA ASN C 13 53.51 -0.28 24.46
C ASN C 13 52.38 -0.27 23.43
N SER C 14 52.31 0.81 22.65
CA SER C 14 51.32 0.92 21.57
C SER C 14 51.93 0.35 20.28
N ARG C 15 52.73 -0.71 20.46
CA ARG C 15 53.42 -1.46 19.41
C ARG C 15 53.61 -2.84 20.02
N VAL C 16 54.53 -2.94 20.99
CA VAL C 16 54.81 -4.17 21.72
C VAL C 16 53.53 -4.66 22.41
N ALA C 17 53.05 -3.88 23.39
CA ALA C 17 51.83 -4.24 24.11
C ALA C 17 50.66 -4.48 23.11
N THR C 18 50.66 -3.75 21.99
CA THR C 18 49.58 -3.98 21.01
C THR C 18 49.82 -5.34 20.36
N GLY C 19 51.11 -5.70 20.24
CA GLY C 19 51.51 -6.97 19.65
C GLY C 19 51.07 -8.12 20.55
N LEU C 20 50.56 -7.75 21.74
CA LEU C 20 50.05 -8.67 22.74
C LEU C 20 48.55 -8.96 22.48
N SER C 21 47.96 -8.16 21.61
CA SER C 21 46.56 -8.27 21.18
C SER C 21 46.24 -7.03 20.33
N GLY C 22 46.26 -5.91 20.89
N GLU C 39 34.66 -10.65 10.05
CA GLU C 39 33.46 -11.09 10.81
C GLU C 39 32.26 -10.53 10.04
N GLU C 40 31.12 -10.45 10.70
CA GLU C 40 29.92 -9.88 10.08
C GLU C 40 30.17 -8.38 9.99
N GLY C 41 29.11 -7.59 9.91
CA GLY C 41 29.28 -6.15 9.83
C GLY C 41 29.73 -5.55 11.15
N ASP C 42 29.99 -6.43 12.11
CA ASP C 42 30.40 -6.10 13.49
C ASP C 42 31.78 -5.42 13.63
N ILE C 43 31.92 -4.30 12.93
CA ILE C 43 33.13 -3.50 12.91
C ILE C 43 33.61 -3.13 14.32
N VAL C 44 32.68 -2.78 15.20
CA VAL C 44 33.04 -2.35 16.54
C VAL C 44 33.76 -3.42 17.33
N ALA C 45 33.36 -4.67 17.16
CA ALA C 45 34.00 -5.79 17.86
C ALA C 45 35.33 -6.08 17.23
N LEU C 46 35.66 -5.31 16.20
CA LEU C 46 36.88 -5.45 15.48
C LEU C 46 37.79 -4.28 15.81
N LYS C 47 37.23 -3.24 16.43
CA LYS C 47 38.02 -2.07 16.76
C LYS C 47 39.22 -2.30 17.67
N ASN C 48 40.20 -1.43 17.49
CA ASN C 48 41.42 -1.48 18.29
C ASN C 48 41.71 0.00 18.47
N TYR C 49 41.35 0.54 19.62
CA TYR C 49 41.58 1.95 19.90
C TYR C 49 43.01 2.36 20.07
N MET C 50 43.93 1.41 19.91
CA MET C 50 45.36 1.71 19.97
C MET C 50 45.81 2.36 18.65
N ASN C 51 44.84 2.49 17.73
CA ASN C 51 44.96 3.09 16.39
C ASN C 51 44.52 4.52 16.38
N ALA C 52 43.88 4.94 17.47
CA ALA C 52 43.38 6.30 17.58
C ALA C 52 44.53 7.25 17.82
N GLN C 53 44.61 8.28 16.97
CA GLN C 53 45.69 9.26 17.05
C GLN C 53 45.23 10.64 17.45
N TYR C 54 43.92 10.87 17.31
CA TYR C 54 43.35 12.15 17.64
C TYR C 54 42.48 12.01 18.88
N PHE C 55 42.65 12.94 19.80
CA PHE C 55 41.95 12.91 21.05
C PHE C 55 41.36 14.25 21.29
N GLY C 56 40.21 14.26 21.94
CA GLY C 56 39.52 15.49 22.24
C GLY C 56 39.11 15.42 23.69
N GLU C 57 38.49 16.49 24.19
CA GLU C 57 38.06 16.58 25.54
C GLU C 57 36.59 16.93 25.63
N ILE C 58 35.87 16.28 26.55
CA ILE C 58 34.46 16.59 26.79
C ILE C 58 34.34 16.81 28.30
N GLY C 59 33.14 16.67 28.83
CA GLY C 59 32.91 16.85 30.25
C GLY C 59 31.55 16.28 30.55
N VAL C 60 31.37 15.66 31.72
CA VAL C 60 30.08 15.12 32.07
C VAL C 60 29.72 15.58 33.49
N GLY C 61 28.43 15.69 33.76
CA GLY C 61 27.96 16.13 35.06
C GLY C 61 28.09 17.61 35.32
N THR C 62 27.42 18.08 36.37
CA THR C 62 27.47 19.50 36.75
C THR C 62 27.83 19.57 38.24
N PRO C 63 28.98 20.21 38.57
CA PRO C 63 29.93 20.84 37.66
C PRO C 63 30.66 19.79 36.84
N PRO C 64 31.06 20.13 35.61
CA PRO C 64 31.75 19.27 34.66
C PRO C 64 32.94 18.53 35.17
N GLN C 65 33.00 17.26 34.82
CA GLN C 65 34.12 16.41 35.15
C GLN C 65 34.74 16.27 33.76
N LYS C 66 35.98 16.75 33.60
CA LYS C 66 36.67 16.71 32.33
C LYS C 66 37.08 15.28 31.94
N PHE C 67 36.98 14.97 30.64
CA PHE C 67 37.36 13.64 30.15
C PHE C 67 37.94 13.75 28.77
N THR C 68 39.03 13.05 28.54
CA THR C 68 39.69 13.03 27.24
C THR C 68 39.14 11.79 26.55
N VAL C 69 38.49 11.98 25.41
CA VAL C 69 37.93 10.87 24.69
C VAL C 69 38.25 10.94 23.20
N ILE C 70 37.97 9.84 22.52
CA ILE C 70 38.14 9.72 21.08
C ILE C 70 36.76 10.00 20.51
N PHE C 71 36.66 10.95 19.57
CA PHE C 71 35.39 11.27 18.94
C PHE C 71 35.30 10.34 17.76
N ASP C 72 34.51 9.29 17.96
CA ASP C 72 34.36 8.18 17.02
C ASP C 72 33.17 8.06 16.07
N THR C 73 33.42 8.09 14.76
CA THR C 73 32.31 7.97 13.80
C THR C 73 32.06 6.53 13.38
N GLY C 74 32.54 5.60 14.19
CA GLY C 74 32.33 4.19 13.91
C GLY C 74 31.63 3.54 15.10
N SER C 75 31.27 4.36 16.09
CA SER C 75 30.61 3.91 17.29
C SER C 75 29.54 4.94 17.66
N SER C 76 28.45 4.49 18.29
CA SER C 76 27.34 5.39 18.65
C SER C 76 27.09 5.63 20.12
N ASN C 77 27.96 5.10 20.96
CA ASN C 77 27.83 5.27 22.41
C ASN C 77 28.87 6.21 22.98
N LEU C 78 28.53 6.76 24.14
CA LEU C 78 29.41 7.61 24.93
C LEU C 78 29.68 6.72 26.17
N TRP C 79 30.93 6.67 26.62
CA TRP C 79 31.27 5.89 27.79
C TRP C 79 32.54 6.42 28.44
N VAL C 80 32.53 6.50 29.75
CA VAL C 80 33.67 6.99 30.52
C VAL C 80 33.93 6.02 31.67
N PRO C 81 35.14 6.04 32.25
CA PRO C 81 35.34 5.10 33.36
C PRO C 81 34.50 5.60 34.53
N SER C 82 34.14 4.71 35.45
CA SER C 82 33.33 5.12 36.58
C SER C 82 34.10 5.12 37.89
N ALA C 83 33.60 5.89 38.86
CA ALA C 83 34.21 5.93 40.21
C ALA C 83 34.03 4.51 40.81
N LYS C 84 33.00 3.83 40.29
CA LYS C 84 32.67 2.50 40.70
C LYS C 84 33.42 1.40 39.92
N CYS C 85 34.44 1.75 39.14
CA CYS C 85 35.26 0.73 38.43
C CYS C 85 36.40 0.53 39.43
N TYR C 86 36.28 -0.52 40.23
CA TYR C 86 37.27 -0.78 41.29
C TYR C 86 38.45 -1.69 40.99
N PHE C 87 38.24 -2.72 40.21
CA PHE C 87 39.31 -3.68 39.99
C PHE C 87 40.07 -3.77 38.68
N SER C 88 40.02 -2.74 37.86
CA SER C 88 40.77 -2.78 36.60
C SER C 88 41.87 -1.78 36.75
N ILE C 89 43.11 -2.18 36.47
CA ILE C 89 44.28 -1.29 36.57
C ILE C 89 43.99 -0.03 35.77
N ALA C 90 43.55 -0.26 34.54
CA ALA C 90 43.19 0.77 33.58
C ALA C 90 42.42 1.93 34.16
N CYS C 91 41.39 1.64 34.96
CA CYS C 91 40.55 2.68 35.57
C CYS C 91 41.27 3.60 36.51
N TYR C 92 42.46 3.17 36.94
CA TYR C 92 43.28 3.95 37.86
C TYR C 92 44.28 4.84 37.14
N LEU C 93 44.50 4.54 35.87
CA LEU C 93 45.40 5.29 35.00
C LEU C 93 44.58 6.40 34.33
N HIS C 94 43.28 6.16 34.21
CA HIS C 94 42.32 7.07 33.60
C HIS C 94 41.40 7.74 34.59
N SER C 95 40.64 8.72 34.11
CA SER C 95 39.71 9.49 34.93
C SER C 95 38.40 8.74 35.13
N ARG C 96 37.72 9.06 36.22
CA ARG C 96 36.48 8.38 36.53
C ARG C 96 35.34 9.35 36.80
N TYR C 97 34.17 9.01 36.29
CA TYR C 97 32.97 9.83 36.48
C TYR C 97 32.38 9.51 37.84
N LYS C 98 32.34 10.50 38.71
CA LYS C 98 31.79 10.30 40.05
C LYS C 98 30.40 10.92 40.08
N ALA C 99 29.40 10.07 39.85
CA ALA C 99 28.00 10.48 39.81
C ALA C 99 27.63 11.40 40.96
N GLY C 100 28.06 11.05 42.16
CA GLY C 100 27.75 11.84 43.35
C GLY C 100 28.23 13.29 43.34
N ALA C 101 29.11 13.64 42.43
CA ALA C 101 29.62 15.00 42.39
C ALA C 101 28.81 15.88 41.45
N SER C 102 27.87 15.27 40.72
CA SER C 102 27.06 16.00 39.76
C SER C 102 25.60 16.16 40.14
N SER C 103 25.25 17.39 40.48
CA SER C 103 23.88 17.72 40.87
C SER C 103 22.87 17.23 39.83
N THR C 104 23.29 17.13 38.59
CA THR C 104 22.41 16.73 37.50
C THR C 104 22.36 15.24 37.16
N TYR C 105 22.97 14.43 38.01
CA TYR C 105 22.98 13.01 37.76
C TYR C 105 21.59 12.41 37.92
N LYS C 106 21.25 11.52 37.00
CA LYS C 106 19.99 10.82 37.04
C LYS C 106 20.40 9.37 36.82
N LYS C 107 20.08 8.52 37.78
CA LYS C 107 20.44 7.11 37.73
C LYS C 107 19.82 6.37 36.58
N ASN C 108 20.27 5.13 36.36
CA ASN C 108 19.72 4.30 35.31
C ASN C 108 20.00 2.85 35.69
N GLY C 109 21.27 2.52 35.89
CA GLY C 109 21.62 1.16 36.30
C GLY C 109 21.53 0.01 35.32
N LYS C 110 20.79 0.19 34.23
CA LYS C 110 20.69 -0.89 33.26
C LYS C 110 22.12 -1.27 32.84
N PRO C 111 22.50 -2.53 33.00
CA PRO C 111 23.85 -2.95 32.61
C PRO C 111 24.17 -2.80 31.12
N ALA C 112 25.44 -2.56 30.82
CA ALA C 112 25.95 -2.40 29.45
C ALA C 112 27.30 -3.08 29.35
N ALA C 113 27.58 -3.63 28.17
CA ALA C 113 28.84 -4.34 27.90
C ALA C 113 29.15 -4.17 26.40
N ILE C 114 30.37 -3.74 26.09
CA ILE C 114 30.78 -3.52 24.71
C ILE C 114 32.10 -4.22 24.47
N GLN C 115 32.12 -5.15 23.52
CA GLN C 115 33.36 -5.85 23.19
C GLN C 115 34.06 -5.16 22.03
N TYR C 116 35.39 -5.13 22.07
CA TYR C 116 36.20 -4.55 21.01
C TYR C 116 37.10 -5.69 20.55
N GLY C 117 38.13 -5.40 19.76
CA GLY C 117 39.00 -6.47 19.31
C GLY C 117 40.14 -6.76 20.27
N THR C 118 40.53 -5.73 21.02
CA THR C 118 41.64 -5.76 21.98
C THR C 118 41.25 -5.18 23.36
N GLY C 119 39.99 -5.36 23.71
CA GLY C 119 39.49 -4.84 24.97
C GLY C 119 38.01 -5.14 25.05
N SER C 120 37.35 -4.63 26.08
CA SER C 120 35.93 -4.85 26.29
C SER C 120 35.55 -4.08 27.52
N ILE C 121 34.50 -3.27 27.45
CA ILE C 121 34.10 -2.53 28.64
C ILE C 121 32.71 -2.90 29.08
N ALA C 122 32.56 -3.09 30.38
CA ALA C 122 31.26 -3.42 30.94
C ALA C 122 31.02 -2.29 31.93
N GLY C 123 29.76 -1.92 32.12
CA GLY C 123 29.46 -0.85 33.03
C GLY C 123 27.97 -0.71 33.09
N TYR C 124 27.47 0.39 33.63
CA TYR C 124 26.02 0.56 33.68
C TYR C 124 25.56 1.90 33.12
N PHE C 125 24.30 1.95 32.69
CA PHE C 125 23.73 3.17 32.14
C PHE C 125 23.47 4.27 33.18
N SER C 126 23.89 5.47 32.83
CA SER C 126 23.69 6.60 33.68
C SER C 126 23.17 7.64 32.73
N GLU C 127 22.78 8.77 33.27
CA GLU C 127 22.26 9.85 32.48
C GLU C 127 22.73 11.10 33.20
N ASP C 128 23.12 12.13 32.45
CA ASP C 128 23.62 13.37 33.02
C ASP C 128 23.86 14.27 31.83
N SER C 129 24.41 15.46 32.09
CA SER C 129 24.69 16.46 31.06
C SER C 129 26.09 16.27 30.53
N VAL C 130 26.21 16.12 29.23
CA VAL C 130 27.52 15.94 28.62
C VAL C 130 27.86 17.24 27.94
N THR C 131 28.88 17.94 28.41
CA THR C 131 29.23 19.19 27.75
C THR C 131 30.39 19.00 26.76
N VAL C 132 30.08 19.22 25.49
CA VAL C 132 31.05 19.07 24.41
C VAL C 132 31.37 20.44 23.86
N GLY C 133 32.51 20.99 24.27
CA GLY C 133 32.86 22.31 23.81
C GLY C 133 31.92 23.28 24.48
N ASP C 134 31.18 24.06 23.70
CA ASP C 134 30.24 25.04 24.28
C ASP C 134 28.84 24.52 24.55
N LEU C 135 28.40 23.52 23.80
CA LEU C 135 27.07 22.94 23.96
C LEU C 135 26.93 22.04 25.19
N VAL C 136 25.76 22.07 25.82
CA VAL C 136 25.50 21.22 26.97
C VAL C 136 24.35 20.34 26.56
N VAL C 137 24.62 19.06 26.33
CA VAL C 137 23.57 18.14 25.95
C VAL C 137 22.93 17.59 27.22
N LYS C 138 21.73 18.08 27.49
CA LYS C 138 20.97 17.68 28.67
C LYS C 138 20.63 16.20 28.68
N ASP C 139 20.60 15.65 29.89
CA ASP C 139 20.31 14.25 30.11
C ASP C 139 20.67 13.31 28.95
N GLN C 140 21.98 13.07 28.83
CA GLN C 140 22.57 12.20 27.84
C GLN C 140 22.70 10.81 28.44
N GLU C 141 22.40 9.80 27.64
CA GLU C 141 22.48 8.41 28.08
C GLU C 141 23.85 7.86 27.71
N PHE C 142 24.64 7.54 28.74
CA PHE C 142 25.97 7.01 28.52
C PHE C 142 26.23 5.86 29.43
N ILE C 143 27.28 5.12 29.12
CA ILE C 143 27.70 3.95 29.89
C ILE C 143 28.84 4.35 30.82
N GLU C 144 28.68 4.04 32.10
CA GLU C 144 29.66 4.33 33.13
C GLU C 144 30.41 3.00 33.30
N ALA C 145 31.60 2.87 32.72
CA ALA C 145 32.34 1.61 32.80
C ALA C 145 32.78 1.27 34.21
N THR C 146 32.55 0.00 34.55
CA THR C 146 32.86 -0.60 35.83
C THR C 146 34.08 -1.55 35.65
N LYS C 147 34.34 -1.93 34.40
CA LYS C 147 35.43 -2.80 34.03
C LYS C 147 35.89 -2.41 32.64
N GLU C 148 37.21 -2.39 32.42
CA GLU C 148 37.81 -2.04 31.14
C GLU C 148 38.95 -3.00 30.87
N PRO C 149 38.66 -4.29 30.84
CA PRO C 149 39.72 -5.27 30.60
C PRO C 149 40.26 -5.24 29.17
N GLY C 150 41.55 -5.03 29.04
CA GLY C 150 42.13 -5.03 27.71
C GLY C 150 43.42 -4.29 27.61
N ILE C 151 44.30 -4.82 26.78
CA ILE C 151 45.59 -4.21 26.53
C ILE C 151 45.38 -2.84 25.90
N THR C 152 44.25 -2.66 25.22
CA THR C 152 43.92 -1.39 24.59
C THR C 152 43.64 -0.30 25.62
N PHE C 153 43.30 -0.69 26.86
CA PHE C 153 42.99 0.30 27.88
C PHE C 153 44.11 0.57 28.86
N LEU C 154 44.98 -0.41 29.03
CA LEU C 154 46.12 -0.28 29.93
C LEU C 154 47.00 0.86 29.41
N VAL C 155 47.38 0.73 28.15
CA VAL C 155 48.26 1.67 27.48
C VAL C 155 47.46 2.69 26.68
N ALA C 156 46.22 2.90 27.08
CA ALA C 156 45.34 3.82 26.37
C ALA C 156 45.60 5.27 26.75
N LYS C 157 45.65 6.11 25.73
CA LYS C 157 45.88 7.53 25.88
C LYS C 157 44.57 8.30 26.01
N PHE C 158 43.45 7.57 26.10
CA PHE C 158 42.11 8.15 26.22
C PHE C 158 41.34 7.57 27.40
N ASP C 159 40.41 8.37 27.94
CA ASP C 159 39.56 7.95 29.06
C ASP C 159 38.30 7.26 28.51
N GLY C 160 37.62 7.90 27.56
CA GLY C 160 36.44 7.29 26.99
C GLY C 160 36.33 7.36 25.47
N ILE C 161 35.14 7.10 24.97
CA ILE C 161 34.89 7.13 23.53
C ILE C 161 33.58 7.90 23.40
N LEU C 162 33.54 8.90 22.52
CA LEU C 162 32.30 9.65 22.30
C LEU C 162 31.92 9.29 20.90
N GLY C 163 31.06 8.27 20.80
CA GLY C 163 30.59 7.77 19.54
C GLY C 163 29.79 8.78 18.75
N LEU C 164 29.97 8.73 17.44
CA LEU C 164 29.35 9.70 16.56
C LEU C 164 28.54 9.05 15.44
N GLY C 165 28.37 7.72 15.52
CA GLY C 165 27.59 6.99 14.51
C GLY C 165 26.08 7.14 14.70
N PHE C 166 25.31 6.26 14.09
CA PHE C 166 23.85 6.31 14.15
C PHE C 166 23.22 5.46 15.28
N LYS C 167 22.04 5.83 15.79
CA LYS C 167 21.42 5.04 16.87
C LYS C 167 21.24 3.56 16.50
N GLU C 168 21.05 3.30 15.21
CA GLU C 168 20.86 1.94 14.70
C GLU C 168 21.87 0.90 15.23
N ILE C 169 23.02 1.39 15.68
CA ILE C 169 24.08 0.53 16.24
C ILE C 169 24.38 0.91 17.67
N SER C 170 23.65 1.91 18.20
CA SER C 170 23.90 2.37 19.56
C SER C 170 23.61 1.27 20.54
N VAL C 171 24.52 1.03 21.47
CA VAL C 171 24.36 -0.01 22.47
C VAL C 171 23.21 0.38 23.40
N GLY C 172 22.21 -0.49 23.54
CA GLY C 172 21.06 -0.18 24.38
C GLY C 172 20.35 1.03 23.80
N LYS C 173 20.26 1.03 22.47
CA LYS C 173 19.66 2.09 21.65
C LYS C 173 19.58 3.45 22.30
N ALA C 174 20.74 3.92 22.76
CA ALA C 174 20.89 5.20 23.39
C ALA C 174 20.92 6.21 22.27
N VAL C 175 20.54 7.44 22.56
CA VAL C 175 20.52 8.50 21.55
C VAL C 175 21.92 9.17 21.55
N PRO C 176 22.67 9.05 20.44
CA PRO C 176 24.00 9.67 20.39
C PRO C 176 24.01 11.13 20.85
N VAL C 177 25.18 11.66 21.19
CA VAL C 177 25.27 13.06 21.64
C VAL C 177 24.92 14.00 20.51
N TRP C 178 25.03 13.48 19.28
CA TRP C 178 24.70 14.24 18.09
C TRP C 178 23.20 14.45 17.98
N TYR C 179 22.44 13.37 18.16
CA TYR C 179 21.01 13.44 18.05
C TYR C 179 20.40 14.38 19.09
N LYS C 180 20.99 14.40 20.28
CA LYS C 180 20.48 15.28 21.31
C LYS C 180 20.94 16.73 21.10
N MET C 181 22.10 16.95 20.46
CA MET C 181 22.57 18.32 20.19
C MET C 181 21.58 18.90 19.20
N ILE C 182 21.20 18.06 18.25
CA ILE C 182 20.24 18.38 17.20
C ILE C 182 18.88 18.72 17.83
N GLU C 183 18.40 17.81 18.66
CA GLU C 183 17.11 17.94 19.33
C GLU C 183 16.97 19.19 20.14
N GLN C 184 17.92 19.45 21.01
CA GLN C 184 17.84 20.64 21.86
C GLN C 184 18.25 21.90 21.13
N GLY C 185 18.32 21.81 19.79
CA GLY C 185 18.68 22.94 18.97
C GLY C 185 19.97 23.58 19.41
N LEU C 186 20.96 22.76 19.75
CA LEU C 186 22.28 23.26 20.16
C LEU C 186 23.01 23.63 18.89
N VAL C 187 22.81 22.78 17.89
CA VAL C 187 23.40 22.89 16.58
C VAL C 187 22.34 23.29 15.54
N SER C 188 22.65 24.28 14.70
CA SER C 188 21.72 24.71 13.66
C SER C 188 21.77 23.78 12.43
N ASP C 189 22.94 23.67 11.81
CA ASP C 189 23.09 22.81 10.64
C ASP C 189 23.48 21.40 11.06
N PRO C 190 22.67 20.40 10.73
CA PRO C 190 22.93 19.00 11.09
C PRO C 190 24.09 18.40 10.27
N VAL C 191 25.26 18.98 10.48
CA VAL C 191 26.49 18.63 9.80
C VAL C 191 27.62 18.84 10.82
N PHE C 192 28.49 17.85 10.96
CA PHE C 192 29.67 17.96 11.82
C PHE C 192 30.84 17.58 10.90
N SER C 193 31.96 18.27 11.02
CA SER C 193 33.09 18.01 10.14
C SER C 193 34.39 17.72 10.84
N PHE C 194 35.22 16.92 10.17
CA PHE C 194 36.52 16.49 10.68
C PHE C 194 37.79 16.95 9.94
N TRP C 195 38.53 17.88 10.54
CA TRP C 195 39.79 18.33 9.96
C TRP C 195 40.97 17.78 10.79
N LEU C 196 41.48 16.64 10.39
CA LEU C 196 42.59 16.02 11.08
C LEU C 196 43.79 16.33 10.23
N ASN C 197 44.46 17.44 10.50
CA ASN C 197 45.63 17.83 9.72
C ASN C 197 46.29 19.11 10.19
N ARG C 198 45.94 19.58 11.38
CA ARG C 198 46.56 20.80 11.86
C ARG C 198 48.07 20.61 12.09
N HIS C 199 48.88 21.29 11.29
CA HIS C 199 50.35 21.24 11.38
C HIS C 199 50.96 22.65 11.51
N VAL C 200 51.00 23.39 10.50
N GLY C 205 47.84 17.66 15.37
CA GLY C 205 46.49 17.79 15.83
C GLY C 205 45.39 17.88 14.80
N GLY C 206 44.21 18.27 15.27
CA GLY C 206 43.06 18.38 14.41
C GLY C 206 42.04 19.38 14.95
N GLU C 207 40.83 19.27 14.42
CA GLU C 207 39.71 20.14 14.81
C GLU C 207 38.39 19.50 14.37
N ILE C 208 37.38 19.48 15.25
CA ILE C 208 36.07 18.92 14.92
C ILE C 208 35.05 20.02 15.05
N ILE C 209 34.16 20.14 14.08
CA ILE C 209 33.14 21.18 14.16
C ILE C 209 31.76 20.54 14.11
N PHE C 210 30.94 20.88 15.09
CA PHE C 210 29.56 20.42 15.18
C PHE C 210 28.83 21.64 14.66
N GLY C 211 27.90 21.45 13.73
CA GLY C 211 27.20 22.60 13.21
C GLY C 211 27.50 22.89 11.75
N GLY C 212 28.55 22.26 11.23
CA GLY C 212 28.90 22.47 9.84
C GLY C 212 30.33 22.20 9.44
N MET C 213 31.05 23.27 9.09
CA MET C 213 32.44 23.13 8.67
C MET C 213 33.13 24.45 8.51
N ASP C 214 34.45 24.43 8.66
CA ASP C 214 35.24 25.65 8.53
C ASP C 214 35.93 25.68 7.17
N PRO C 215 35.56 26.67 6.33
CA PRO C 215 36.10 26.89 4.99
C PRO C 215 37.60 26.74 4.94
N LYS C 216 38.28 27.27 5.96
CA LYS C 216 39.74 27.16 6.03
C LYS C 216 40.24 25.73 6.40
N HIS C 217 39.33 24.76 6.40
CA HIS C 217 39.68 23.40 6.76
C HIS C 217 39.75 22.48 5.56
N TYR C 218 39.58 23.04 4.37
CA TYR C 218 39.64 22.23 3.17
C TYR C 218 40.05 23.08 1.98
N VAL C 219 40.42 22.41 0.89
CA VAL C 219 40.82 23.10 -0.33
C VAL C 219 40.01 22.56 -1.50
N GLY C 220 39.24 23.44 -2.12
CA GLY C 220 38.39 23.04 -3.25
C GLY C 220 37.01 22.59 -2.81
N GLU C 221 36.52 21.54 -3.47
CA GLU C 221 35.18 20.99 -3.24
C GLU C 221 35.09 19.59 -2.64
N HIS C 222 34.00 19.35 -1.94
CA HIS C 222 33.73 18.05 -1.34
C HIS C 222 33.02 17.17 -2.30
N THR C 223 33.43 15.90 -2.37
CA THR C 223 32.77 14.93 -3.23
C THR C 223 31.90 14.14 -2.27
N TYR C 224 30.65 14.59 -2.16
CA TYR C 224 29.65 13.99 -1.28
C TYR C 224 29.06 12.73 -1.86
N VAL C 225 29.18 11.65 -1.10
CA VAL C 225 28.64 10.38 -1.52
C VAL C 225 27.55 10.03 -0.50
N PRO C 226 26.45 9.43 -0.96
CA PRO C 226 25.38 9.07 -0.04
C PRO C 226 25.66 7.96 0.98
N VAL C 227 25.10 8.16 2.17
CA VAL C 227 25.20 7.22 3.28
C VAL C 227 24.35 6.04 2.90
N THR C 228 24.94 5.01 2.34
CA THR C 228 24.21 3.83 1.92
C THR C 228 23.46 3.09 3.04
N GLN C 229 23.79 3.35 4.30
CA GLN C 229 23.12 2.70 5.45
C GLN C 229 23.31 3.45 6.75
N LYS C 230 22.25 3.52 7.53
CA LYS C 230 22.30 4.18 8.83
C LYS C 230 22.79 3.11 9.81
N GLY C 231 23.84 3.47 10.55
CA GLY C 231 24.48 2.58 11.53
C GLY C 231 25.87 3.16 11.65
N TYR C 232 26.76 2.76 10.75
CA TYR C 232 28.13 3.30 10.71
C TYR C 232 28.01 4.26 9.53
N TRP C 233 28.74 5.37 9.56
CA TRP C 233 28.71 6.31 8.43
C TRP C 233 29.15 5.55 7.21
N GLN C 234 28.25 4.77 6.63
CA GLN C 234 28.56 3.93 5.49
C GLN C 234 28.13 4.45 4.13
N PHE C 235 29.05 4.38 3.16
CA PHE C 235 28.80 4.84 1.81
C PHE C 235 29.28 3.79 0.84
N ASP C 236 29.37 4.14 -0.42
CA ASP C 236 29.84 3.18 -1.39
C ASP C 236 31.05 3.82 -2.07
N MET C 237 31.84 2.98 -2.75
CA MET C 237 33.03 3.46 -3.44
C MET C 237 33.36 2.42 -4.54
N GLY C 238 34.36 2.70 -5.34
CA GLY C 238 34.70 1.76 -6.37
C GLY C 238 36.17 1.41 -6.32
N ASP C 239 36.63 0.94 -7.46
CA ASP C 239 38.00 0.50 -7.74
C ASP C 239 39.12 1.24 -7.01
N VAL C 240 40.08 0.45 -6.51
CA VAL C 240 41.24 0.98 -5.78
C VAL C 240 42.44 0.83 -6.72
N LEU C 241 43.12 1.93 -7.00
CA LEU C 241 44.26 1.92 -7.94
C LEU C 241 45.61 2.16 -7.29
N VAL C 242 46.53 1.26 -7.54
CA VAL C 242 47.89 1.36 -6.99
C VAL C 242 48.81 1.65 -8.15
N GLY C 243 49.46 2.82 -8.11
CA GLY C 243 50.36 3.19 -9.18
C GLY C 243 49.67 3.26 -10.52
N GLY C 244 48.43 3.75 -10.50
CA GLY C 244 47.65 3.87 -11.72
C GLY C 244 47.05 2.57 -12.25
N LYS C 245 47.43 1.44 -11.68
CA LYS C 245 46.89 0.17 -12.13
C LYS C 245 45.71 -0.20 -11.24
N SER C 246 44.68 -0.75 -11.87
CA SER C 246 43.49 -1.15 -11.16
C SER C 246 43.67 -2.47 -10.42
N THR C 247 43.22 -2.50 -9.17
CA THR C 247 43.32 -3.70 -8.35
C THR C 247 42.10 -4.61 -8.49
N GLY C 248 41.19 -4.22 -9.40
CA GLY C 248 39.97 -4.99 -9.61
C GLY C 248 39.13 -4.97 -8.34
N PHE C 249 38.66 -6.16 -7.94
CA PHE C 249 37.84 -6.38 -6.73
C PHE C 249 36.79 -5.31 -6.40
N CYS C 250 37.21 -4.07 -6.21
CA CYS C 250 36.27 -3.00 -5.93
C CYS C 250 35.86 -2.28 -7.20
N ALA C 251 36.29 -2.83 -8.33
CA ALA C 251 35.97 -2.26 -9.63
C ALA C 251 34.46 -2.25 -9.76
N GLY C 252 33.84 -3.37 -9.37
CA GLY C 252 32.40 -3.52 -9.42
C GLY C 252 31.65 -2.73 -8.35
N GLY C 253 32.41 -2.07 -7.46
CA GLY C 253 31.85 -1.28 -6.39
C GLY C 253 32.02 -1.99 -5.05
N CYS C 254 32.41 -1.25 -4.03
CA CYS C 254 32.61 -1.81 -2.69
C CYS C 254 31.93 -0.88 -1.71
N ALA C 255 31.87 -1.30 -0.46
CA ALA C 255 31.27 -0.51 0.60
C ALA C 255 32.38 -0.02 1.50
N ALA C 256 32.20 1.15 2.08
CA ALA C 256 33.22 1.71 2.95
C ALA C 256 32.53 2.46 4.03
N ILE C 257 33.28 2.78 5.07
CA ILE C 257 32.75 3.53 6.21
C ILE C 257 33.84 4.49 6.52
N ALA C 258 33.50 5.68 7.03
CA ALA C 258 34.51 6.66 7.44
C ALA C 258 34.57 6.48 8.95
N ASP C 259 35.73 6.07 9.46
CA ASP C 259 35.91 5.79 10.88
C ASP C 259 36.98 6.66 11.56
N SER C 260 36.58 7.81 12.10
CA SER C 260 37.53 8.67 12.76
C SER C 260 38.20 7.95 13.92
N GLY C 261 37.62 6.85 14.36
CA GLY C 261 38.16 6.11 15.50
C GLY C 261 39.31 5.16 15.27
N THR C 262 39.88 5.21 14.07
CA THR C 262 41.00 4.36 13.72
C THR C 262 41.89 5.16 12.79
N SER C 263 43.11 4.67 12.54
CA SER C 263 44.03 5.32 11.61
C SER C 263 44.18 4.43 10.39
N LEU C 264 44.46 3.17 10.63
CA LEU C 264 44.64 2.21 9.57
C LEU C 264 43.38 2.04 8.68
N LEU C 265 43.60 1.72 7.41
CA LEU C 265 42.53 1.50 6.45
C LEU C 265 42.38 0.00 6.23
N ALA C 266 41.21 -0.56 6.52
CA ALA C 266 41.04 -2.02 6.35
C ALA C 266 40.23 -2.43 5.13
N GLY C 267 40.78 -3.27 4.28
CA GLY C 267 40.04 -3.66 3.11
C GLY C 267 40.36 -5.06 2.65
N PRO C 268 39.73 -5.49 1.55
CA PRO C 268 39.90 -6.81 0.95
C PRO C 268 41.36 -7.21 0.84
N THR C 269 41.66 -8.48 1.16
CA THR C 269 43.02 -9.02 1.09
C THR C 269 43.49 -9.01 -0.36
N ALA C 270 42.60 -9.36 -1.28
CA ALA C 270 42.94 -9.39 -2.71
C ALA C 270 43.52 -8.06 -3.20
N ILE C 271 43.31 -7.00 -2.44
CA ILE C 271 43.78 -5.67 -2.80
C ILE C 271 45.03 -5.32 -1.96
N ILE C 272 45.00 -5.67 -0.68
CA ILE C 272 46.14 -5.38 0.19
C ILE C 272 47.35 -6.21 -0.22
N THR C 273 47.09 -7.46 -0.54
CA THR C 273 48.11 -8.40 -0.99
C THR C 273 48.87 -7.77 -2.18
N GLU C 274 48.16 -6.97 -2.97
CA GLU C 274 48.72 -6.31 -4.14
C GLU C 274 49.50 -5.05 -3.81
N ILE C 275 48.95 -4.23 -2.92
CA ILE C 275 49.67 -3.04 -2.50
C ILE C 275 50.98 -3.56 -1.88
N ASN C 276 50.90 -4.70 -1.21
CA ASN C 276 52.06 -5.31 -0.58
C ASN C 276 53.21 -5.50 -1.58
N GLU C 277 52.92 -6.08 -2.75
CA GLU C 277 53.98 -6.28 -3.75
C GLU C 277 54.56 -4.94 -4.14
N LYS C 278 53.67 -4.01 -4.46
CA LYS C 278 54.06 -2.67 -4.89
C LYS C 278 54.89 -1.82 -3.93
N ILE C 279 54.71 -2.03 -2.63
CA ILE C 279 55.46 -1.27 -1.64
C ILE C 279 56.40 -2.13 -0.78
N GLY C 280 56.50 -3.41 -1.13
CA GLY C 280 57.36 -4.35 -0.42
C GLY C 280 57.11 -4.42 1.07
N ALA C 281 55.90 -4.81 1.48
CA ALA C 281 55.58 -4.90 2.89
C ALA C 281 55.85 -6.30 3.41
N ALA C 282 55.93 -6.45 4.72
CA ALA C 282 56.18 -7.74 5.29
C ALA C 282 54.88 -8.54 5.29
N GLY C 283 54.88 -9.68 4.62
CA GLY C 283 53.69 -10.51 4.55
C GLY C 283 53.87 -11.98 4.90
N VAL C 284 52.78 -12.73 4.72
CA VAL C 284 52.71 -14.15 5.00
C VAL C 284 52.72 -14.91 3.68
N VAL C 285 53.61 -15.86 3.54
CA VAL C 285 53.71 -16.63 2.30
C VAL C 285 52.60 -17.68 2.20
N SER C 286 51.64 -17.38 1.32
CA SER C 286 50.51 -18.26 1.10
C SER C 286 50.92 -19.45 0.24
N GLN C 287 51.06 -20.60 0.89
CA GLN C 287 51.44 -21.85 0.23
C GLN C 287 50.29 -22.38 -0.65
N GLU C 288 49.06 -22.16 -0.22
CA GLU C 288 47.87 -22.57 -0.97
C GLU C 288 47.84 -21.75 -2.24
N CYS C 289 48.14 -20.47 -2.09
CA CYS C 289 48.20 -19.51 -3.18
C CYS C 289 49.21 -20.03 -4.21
N LYS C 290 50.33 -20.55 -3.70
CA LYS C 290 51.39 -21.09 -4.54
C LYS C 290 50.88 -22.27 -5.36
N THR C 291 50.56 -23.37 -4.68
CA THR C 291 50.06 -24.60 -5.31
C THR C 291 48.92 -24.39 -6.30
N ILE C 292 48.10 -23.36 -6.09
CA ILE C 292 47.02 -23.09 -7.02
C ILE C 292 47.66 -22.63 -8.32
N VAL C 293 48.55 -21.63 -8.23
CA VAL C 293 49.24 -21.12 -9.42
C VAL C 293 50.22 -22.18 -9.95
N SER C 294 50.67 -23.05 -9.03
CA SER C 294 51.59 -24.14 -9.33
C SER C 294 50.91 -25.20 -10.20
N GLN C 295 49.60 -25.34 -10.02
CA GLN C 295 48.84 -26.32 -10.79
C GLN C 295 47.69 -25.69 -11.58
N TYR C 296 46.64 -25.31 -10.85
CA TYR C 296 45.44 -24.74 -11.48
C TYR C 296 45.73 -23.50 -12.29
N GLY C 297 46.90 -22.90 -12.06
CA GLY C 297 47.36 -21.70 -12.74
C GLY C 297 47.06 -21.47 -14.22
N GLN C 298 47.90 -22.02 -15.10
CA GLN C 298 47.68 -21.86 -16.54
C GLN C 298 46.32 -22.44 -16.91
N GLN C 299 45.88 -23.42 -16.13
CA GLN C 299 44.58 -24.05 -16.32
C GLN C 299 43.52 -22.98 -16.09
N ILE C 300 43.74 -22.18 -15.06
CA ILE C 300 42.87 -21.08 -14.66
C ILE C 300 42.97 -19.97 -15.70
N LEU C 301 44.18 -19.75 -16.20
CA LEU C 301 44.43 -18.75 -17.21
C LEU C 301 43.56 -19.14 -18.41
N ASP C 302 43.67 -20.38 -18.85
CA ASP C 302 42.88 -20.89 -19.99
C ASP C 302 41.35 -20.75 -19.83
N LEU C 303 40.88 -20.67 -18.59
CA LEU C 303 39.45 -20.52 -18.30
C LEU C 303 39.10 -19.05 -18.56
N LEU C 304 39.70 -18.17 -17.75
CA LEU C 304 39.52 -16.72 -17.85
C LEU C 304 39.92 -16.31 -19.27
N LEU C 305 40.85 -17.08 -19.87
CA LEU C 305 41.36 -16.85 -21.24
C LEU C 305 40.37 -17.29 -22.30
N ALA C 306 39.78 -18.48 -22.10
CA ALA C 306 38.79 -19.01 -23.03
C ALA C 306 37.69 -17.95 -23.27
N GLU C 307 37.62 -16.99 -22.33
CA GLU C 307 36.68 -15.85 -22.31
C GLU C 307 35.45 -16.13 -21.46
N THR C 308 35.66 -16.77 -20.32
CA THR C 308 34.59 -17.13 -19.39
C THR C 308 34.40 -16.10 -18.27
N GLN C 309 33.37 -16.30 -17.46
CA GLN C 309 33.07 -15.43 -16.34
C GLN C 309 33.77 -16.03 -15.11
N PRO C 310 34.37 -15.17 -14.27
CA PRO C 310 35.08 -15.60 -13.05
C PRO C 310 34.24 -16.40 -12.04
N LYS C 311 32.94 -16.15 -12.03
CA LYS C 311 31.99 -16.82 -11.13
C LYS C 311 32.24 -18.32 -11.11
N LYS C 312 32.49 -18.86 -12.29
CA LYS C 312 32.76 -20.27 -12.43
C LYS C 312 34.26 -20.54 -12.29
N ILE C 313 35.05 -19.92 -13.17
CA ILE C 313 36.52 -20.05 -13.25
C ILE C 313 37.17 -20.88 -12.13
N CYS C 314 37.14 -20.36 -10.91
CA CYS C 314 37.78 -21.06 -9.82
C CYS C 314 36.86 -21.98 -9.04
N SER C 315 35.63 -21.54 -8.82
CA SER C 315 34.67 -22.37 -8.11
C SER C 315 34.63 -23.65 -8.95
N GLN C 316 34.31 -23.49 -10.23
CA GLN C 316 34.24 -24.57 -11.20
C GLN C 316 35.56 -25.32 -11.37
N VAL C 317 36.69 -24.60 -11.35
CA VAL C 317 38.01 -25.23 -11.54
C VAL C 317 38.26 -26.37 -10.53
N GLY C 318 37.41 -26.43 -9.52
CA GLY C 318 37.54 -27.45 -8.50
C GLY C 318 38.32 -26.92 -7.34
N LEU C 319 38.10 -25.65 -7.02
CA LEU C 319 38.81 -25.02 -5.92
C LEU C 319 37.88 -24.33 -4.93
N CYS C 320 36.59 -24.64 -5.01
CA CYS C 320 35.58 -24.07 -4.12
C CYS C 320 34.46 -25.06 -3.73
N THR C 321 33.45 -25.18 -4.47
N ALA C 348 36.46 -26.41 -1.04
CA ALA C 348 37.35 -26.11 0.10
C ALA C 348 37.34 -24.60 0.33
N ASP C 349 37.19 -24.16 1.58
CA ASP C 349 37.15 -22.73 1.89
C ASP C 349 38.50 -22.01 1.77
N PRO C 350 39.50 -22.31 2.64
CA PRO C 350 40.80 -21.64 2.55
C PRO C 350 41.46 -21.76 1.16
N MET C 351 41.19 -22.86 0.46
CA MET C 351 41.76 -23.06 -0.86
C MET C 351 40.98 -22.21 -1.87
N CYS C 352 39.67 -22.10 -1.66
CA CYS C 352 38.82 -21.31 -2.54
C CYS C 352 39.23 -19.85 -2.45
N SER C 353 39.39 -19.36 -1.24
CA SER C 353 39.78 -17.98 -0.99
C SER C 353 40.98 -17.55 -1.86
N ALA C 354 42.12 -18.20 -1.64
CA ALA C 354 43.34 -17.90 -2.39
C ALA C 354 43.11 -18.10 -3.88
N CYS C 355 42.28 -19.09 -4.18
CA CYS C 355 41.93 -19.46 -5.54
C CYS C 355 41.09 -18.37 -6.23
N GLU C 356 40.45 -17.52 -5.44
CA GLU C 356 39.65 -16.46 -5.98
C GLU C 356 40.46 -15.18 -6.12
N MET C 357 41.22 -14.85 -5.06
CA MET C 357 42.05 -13.63 -5.11
C MET C 357 42.94 -13.80 -6.34
N ALA C 358 43.57 -14.95 -6.42
CA ALA C 358 44.43 -15.29 -7.55
C ALA C 358 43.69 -15.12 -8.89
N VAL C 359 42.38 -15.31 -8.88
CA VAL C 359 41.57 -15.17 -10.11
C VAL C 359 41.30 -13.70 -10.43
N VAL C 360 41.33 -12.87 -9.38
CA VAL C 360 41.12 -11.43 -9.50
C VAL C 360 42.46 -10.85 -9.91
N TRP C 361 43.51 -11.37 -9.30
CA TRP C 361 44.87 -10.96 -9.56
C TRP C 361 45.21 -11.19 -11.04
N MET C 362 45.12 -12.45 -11.48
CA MET C 362 45.41 -12.80 -12.87
C MET C 362 44.53 -12.03 -13.84
N GLN C 363 43.30 -11.75 -13.43
CA GLN C 363 42.35 -11.01 -14.26
C GLN C 363 42.88 -9.58 -14.40
N ASN C 364 43.37 -9.00 -13.30
CA ASN C 364 43.92 -7.65 -13.35
C ASN C 364 45.08 -7.73 -14.32
N GLN C 365 45.93 -8.72 -14.04
CA GLN C 365 47.12 -8.99 -14.81
C GLN C 365 46.89 -8.99 -16.32
N LEU C 366 45.96 -9.83 -16.77
CA LEU C 366 45.66 -9.92 -18.21
C LEU C 366 45.19 -8.58 -18.78
N ALA C 367 44.48 -7.82 -17.96
CA ALA C 367 43.95 -6.52 -18.36
C ALA C 367 45.05 -5.45 -18.44
N GLN C 368 46.32 -5.88 -18.42
CA GLN C 368 47.46 -4.97 -18.51
C GLN C 368 48.45 -5.34 -19.61
N ASN C 369 47.99 -6.15 -20.57
CA ASN C 369 48.77 -6.58 -21.74
C ASN C 369 49.86 -7.68 -21.62
N LYS C 370 51.00 -7.32 -21.02
CA LYS C 370 52.12 -8.25 -20.87
C LYS C 370 51.68 -9.59 -20.29
N THR C 371 51.35 -10.50 -21.21
CA THR C 371 50.87 -11.81 -20.83
C THR C 371 51.96 -12.85 -20.60
N GLN C 372 51.95 -13.91 -21.41
CA GLN C 372 52.91 -14.99 -21.30
C GLN C 372 52.96 -15.54 -19.86
N ASP C 373 54.12 -16.02 -19.44
CA ASP C 373 54.28 -16.55 -18.09
C ASP C 373 54.44 -15.41 -17.11
N LEU C 374 54.55 -14.19 -17.64
CA LEU C 374 54.69 -12.99 -16.80
C LEU C 374 53.50 -12.91 -15.87
N ILE C 375 52.29 -12.93 -16.45
CA ILE C 375 51.06 -12.88 -15.67
C ILE C 375 51.11 -13.94 -14.56
N LEU C 376 51.27 -15.20 -14.96
CA LEU C 376 51.33 -16.30 -14.00
C LEU C 376 52.55 -16.20 -13.07
N ASP C 377 53.47 -15.28 -13.39
CA ASP C 377 54.66 -15.05 -12.57
C ASP C 377 54.44 -13.95 -11.54
N TYR C 378 53.64 -12.93 -11.88
CA TYR C 378 53.35 -11.85 -10.95
C TYR C 378 52.55 -12.52 -9.84
N VAL C 379 51.61 -13.33 -10.28
CA VAL C 379 50.71 -14.10 -9.43
C VAL C 379 51.56 -14.89 -8.42
N ASN C 380 52.39 -15.79 -8.94
CA ASN C 380 53.27 -16.61 -8.09
C ASN C 380 54.10 -15.71 -7.16
N GLN C 381 54.48 -14.52 -7.65
CA GLN C 381 55.28 -13.56 -6.88
C GLN C 381 54.41 -12.83 -5.85
N LEU C 382 53.11 -12.83 -6.10
CA LEU C 382 52.15 -12.19 -5.20
C LEU C 382 51.85 -13.06 -4.00
N CYS C 383 52.01 -14.37 -4.17
CA CYS C 383 51.75 -15.36 -3.12
C CYS C 383 52.56 -15.25 -1.84
N ASN C 384 53.60 -14.42 -1.85
CA ASN C 384 54.45 -14.21 -0.67
C ASN C 384 54.16 -12.81 -0.12
N ARG C 385 53.31 -12.08 -0.86
CA ARG C 385 52.95 -10.73 -0.50
C ARG C 385 51.80 -10.63 0.48
N LEU C 386 50.94 -11.65 0.49
CA LEU C 386 49.77 -11.73 1.38
C LEU C 386 49.95 -11.00 2.72
N PRO C 387 49.04 -10.08 3.07
CA PRO C 387 49.11 -9.31 4.31
C PRO C 387 49.24 -10.15 5.58
N SER C 388 49.92 -9.59 6.58
CA SER C 388 50.12 -10.25 7.86
C SER C 388 48.78 -10.70 8.46
N PRO C 389 48.81 -11.73 9.33
CA PRO C 389 47.62 -12.30 9.99
C PRO C 389 46.63 -11.23 10.44
N MET C 390 45.64 -10.95 9.60
CA MET C 390 44.60 -9.95 9.87
C MET C 390 45.17 -8.71 10.58
N GLY C 391 46.39 -8.31 10.20
CA GLY C 391 47.02 -7.17 10.83
C GLY C 391 47.99 -6.36 9.97
N GLU C 392 48.96 -5.74 10.65
CA GLU C 392 49.98 -4.89 10.03
C GLU C 392 51.08 -5.60 9.27
N SER C 393 51.53 -4.97 8.19
CA SER C 393 52.61 -5.50 7.35
C SER C 393 53.68 -4.39 7.27
N ALA C 394 54.77 -4.55 8.02
CA ALA C 394 55.85 -3.54 8.06
C ALA C 394 56.56 -3.40 6.75
N VAL C 395 57.10 -2.21 6.53
CA VAL C 395 57.79 -1.85 5.31
C VAL C 395 59.16 -1.23 5.68
N ASP C 396 59.98 -0.95 4.67
CA ASP C 396 61.33 -0.37 4.84
C ASP C 396 61.19 1.13 5.07
N CYS C 397 61.74 1.62 6.17
CA CYS C 397 61.65 3.03 6.50
C CYS C 397 62.27 4.01 5.52
N GLY C 398 63.09 3.51 4.60
CA GLY C 398 63.72 4.38 3.62
C GLY C 398 63.38 4.05 2.16
N SER C 399 62.41 3.17 1.94
CA SER C 399 62.00 2.77 0.61
C SER C 399 60.84 3.57 0.05
N LEU C 400 60.31 4.48 0.85
CA LEU C 400 59.17 5.28 0.39
C LEU C 400 59.35 5.98 -0.95
N GLY C 401 60.58 6.39 -1.25
CA GLY C 401 60.86 7.08 -2.50
C GLY C 401 60.63 6.25 -3.75
N SER C 402 60.28 4.98 -3.57
CA SER C 402 60.02 4.11 -4.70
C SER C 402 58.58 3.62 -4.65
N MET C 403 57.83 4.14 -3.69
CA MET C 403 56.45 3.74 -3.49
C MET C 403 55.46 4.48 -4.37
N PRO C 404 54.45 3.75 -4.89
CA PRO C 404 53.36 4.19 -5.77
C PRO C 404 52.13 4.78 -5.08
N ASP C 405 51.77 6.01 -5.46
CA ASP C 405 50.56 6.63 -4.92
C ASP C 405 49.42 5.62 -5.13
N ILE C 406 48.54 5.51 -4.14
CA ILE C 406 47.41 4.61 -4.27
C ILE C 406 46.20 5.49 -4.07
N GLU C 407 45.17 5.24 -4.90
CA GLU C 407 43.95 6.02 -4.87
C GLU C 407 42.64 5.24 -4.76
N PHE C 408 41.68 5.85 -4.07
CA PHE C 408 40.35 5.31 -3.83
C PHE C 408 39.35 6.11 -4.66
N THR C 409 38.57 5.47 -5.52
CA THR C 409 37.59 6.19 -6.32
C THR C 409 36.25 6.31 -5.54
N ILE C 410 35.98 7.51 -5.02
CA ILE C 410 34.82 7.83 -4.20
C ILE C 410 33.87 8.88 -4.81
N GLY C 411 32.71 8.43 -5.29
CA GLY C 411 31.76 9.34 -5.90
C GLY C 411 32.30 9.80 -7.24
N GLY C 412 32.71 8.84 -8.05
CA GLY C 412 33.29 9.16 -9.33
C GLY C 412 34.71 9.68 -9.22
N LYS C 413 34.93 10.74 -8.42
CA LYS C 413 36.26 11.33 -8.26
C LYS C 413 37.24 10.41 -7.50
N LYS C 414 38.49 10.29 -8.00
CA LYS C 414 39.53 9.47 -7.37
C LYS C 414 40.23 10.25 -6.25
N PHE C 415 40.57 9.55 -5.17
CA PHE C 415 41.22 10.13 -3.98
C PHE C 415 42.54 9.45 -3.67
N ALA C 416 43.64 10.17 -3.96
CA ALA C 416 45.01 9.65 -3.83
C ALA C 416 45.89 9.92 -2.60
N LEU C 417 46.48 8.84 -2.09
CA LEU C 417 47.38 8.87 -0.95
C LEU C 417 48.82 8.72 -1.40
N LYS C 418 49.69 9.51 -0.79
CA LYS C 418 51.11 9.51 -1.10
C LYS C 418 51.79 8.60 -0.09
N PRO C 419 52.76 7.76 -0.51
CA PRO C 419 53.41 6.88 0.47
C PRO C 419 53.62 7.49 1.87
N GLU C 420 54.06 8.75 1.90
CA GLU C 420 54.27 9.49 3.14
C GLU C 420 52.94 9.78 3.83
N GLU C 421 51.88 9.18 3.32
CA GLU C 421 50.54 9.36 3.84
C GLU C 421 50.06 8.00 4.34
N TYR C 422 50.05 6.99 3.48
CA TYR C 422 49.63 5.68 3.91
C TYR C 422 50.66 4.84 4.72
N ILE C 423 51.92 5.28 4.74
CA ILE C 423 52.96 4.55 5.50
C ILE C 423 53.09 5.20 6.90
N LEU C 424 52.93 4.40 7.95
CA LEU C 424 53.05 4.93 9.29
C LEU C 424 54.39 4.70 9.96
N LYS C 425 54.82 5.69 10.73
CA LYS C 425 56.08 5.62 11.46
C LYS C 425 55.80 5.09 12.86
N VAL C 426 56.08 3.83 13.09
CA VAL C 426 55.85 3.24 14.39
C VAL C 426 57.13 3.41 15.21
N GLY C 427 57.57 4.67 15.26
CA GLY C 427 58.81 5.01 15.96
C GLY C 427 60.02 4.46 15.23
N GLU C 428 60.22 4.90 13.98
CA GLU C 428 61.35 4.44 13.16
C GLU C 428 62.70 4.30 13.90
N GLY C 429 63.13 5.35 14.60
CA GLY C 429 64.39 5.29 15.34
C GLY C 429 64.89 6.63 15.87
N ALA C 430 65.20 6.72 17.08
N ALA C 432 62.15 1.73 15.36
CA ALA C 432 61.43 0.43 15.44
C ALA C 432 61.03 -0.02 14.05
N GLN C 433 59.98 0.58 13.50
CA GLN C 433 59.54 0.17 12.17
C GLN C 433 58.69 1.19 11.47
N CYS C 434 58.28 0.81 10.27
CA CYS C 434 57.42 1.61 9.41
C CYS C 434 56.42 0.58 8.92
N ILE C 435 55.14 0.88 9.12
CA ILE C 435 54.07 -0.03 8.73
C ILE C 435 53.12 0.54 7.65
N SER C 436 52.53 -0.37 6.87
CA SER C 436 51.65 -0.10 5.74
C SER C 436 50.41 0.77 5.82
N GLY C 437 49.84 1.02 6.97
CA GLY C 437 48.62 1.86 6.94
C GLY C 437 47.38 1.11 6.40
N PHE C 438 47.58 0.04 5.63
CA PHE C 438 46.50 -0.76 5.06
C PHE C 438 46.42 -2.13 5.75
N THR C 439 45.37 -2.34 6.57
CA THR C 439 45.12 -3.61 7.34
C THR C 439 44.14 -4.48 6.57
N ALA C 440 44.40 -5.77 6.48
CA ALA C 440 43.47 -6.62 5.75
C ALA C 440 42.33 -7.00 6.64
N MET C 441 41.12 -6.79 6.16
CA MET C 441 39.92 -7.15 6.89
C MET C 441 39.13 -7.85 5.82
N ASP C 442 39.21 -9.17 5.82
CA ASP C 442 38.52 -9.91 4.80
C ASP C 442 37.02 -9.84 4.76
N ILE C 443 36.65 -8.93 3.89
CA ILE C 443 35.31 -8.56 3.46
C ILE C 443 34.06 -9.25 4.01
N PRO C 444 33.40 -8.64 5.01
CA PRO C 444 32.16 -9.19 5.58
C PRO C 444 31.30 -9.70 4.39
N PRO C 445 31.46 -10.99 4.03
CA PRO C 445 30.81 -11.71 2.92
C PRO C 445 29.49 -11.18 2.29
N PRO C 446 28.33 -11.27 2.98
CA PRO C 446 27.08 -10.75 2.40
C PRO C 446 26.94 -9.25 2.65
N ARG C 447 27.62 -8.78 3.70
CA ARG C 447 27.65 -7.36 4.06
C ARG C 447 28.68 -6.75 3.13
N GLY C 448 29.04 -7.54 2.11
CA GLY C 448 29.95 -7.19 1.05
C GLY C 448 31.30 -6.61 1.40
N PRO C 449 32.12 -6.35 0.37
CA PRO C 449 33.45 -5.79 0.56
C PRO C 449 33.31 -4.51 1.34
N LEU C 450 33.95 -4.47 2.50
CA LEU C 450 33.87 -3.27 3.28
C LEU C 450 35.27 -2.69 3.47
N TRP C 451 35.32 -1.36 3.55
CA TRP C 451 36.57 -0.63 3.77
C TRP C 451 36.32 0.28 4.95
N ILE C 452 37.28 0.29 5.88
CA ILE C 452 37.19 1.18 7.04
C ILE C 452 38.25 2.25 6.78
N LEU C 453 37.78 3.39 6.29
CA LEU C 453 38.66 4.47 6.00
C LEU C 453 38.89 5.26 7.28
N GLY C 454 40.04 4.99 7.89
CA GLY C 454 40.39 5.67 9.12
C GLY C 454 41.18 6.90 8.77
N ASP C 455 41.68 7.64 9.76
CA ASP C 455 42.44 8.86 9.48
C ASP C 455 43.65 8.76 8.56
N VAL C 456 44.10 7.56 8.21
CA VAL C 456 45.21 7.46 7.26
C VAL C 456 44.69 8.20 6.01
N PHE C 457 43.37 8.16 5.81
CA PHE C 457 42.71 8.83 4.70
C PHE C 457 42.14 10.17 5.14
N MET C 458 41.35 10.14 6.20
CA MET C 458 40.72 11.32 6.73
C MET C 458 41.67 12.37 7.24
N GLY C 459 42.93 12.26 6.87
CA GLY C 459 43.92 13.26 7.30
C GLY C 459 44.07 14.18 6.11
N PRO C 460 44.56 13.65 4.98
CA PRO C 460 44.71 14.49 3.81
C PRO C 460 43.35 14.97 3.29
N TYR C 461 42.28 14.27 3.69
CA TYR C 461 40.93 14.60 3.25
C TYR C 461 39.97 14.98 4.33
N HIS C 462 39.70 16.28 4.41
CA HIS C 462 38.74 16.84 5.36
C HIS C 462 37.35 16.17 5.12
N THR C 463 36.87 15.37 6.09
CA THR C 463 35.56 14.69 5.97
C THR C 463 34.37 15.48 6.58
N VAL C 464 33.21 15.38 5.92
CA VAL C 464 31.99 16.05 6.35
C VAL C 464 30.88 15.04 6.46
N PHE C 465 30.36 14.91 7.66
CA PHE C 465 29.30 13.98 7.93
C PHE C 465 28.00 14.78 7.90
N ASP C 466 27.39 14.75 6.73
CA ASP C 466 26.16 15.45 6.44
C ASP C 466 25.01 14.60 6.97
N TYR C 467 24.77 14.74 8.27
CA TYR C 467 23.72 14.00 8.91
C TYR C 467 22.39 14.42 8.29
N GLY C 468 22.22 15.72 8.11
CA GLY C 468 21.00 16.28 7.56
C GLY C 468 20.50 15.65 6.27
N LYS C 469 21.33 15.69 5.24
CA LYS C 469 20.96 15.14 3.95
C LYS C 469 21.51 13.74 3.75
N LEU C 470 21.99 13.12 4.82
CA LEU C 470 22.56 11.77 4.77
C LEU C 470 23.65 11.57 3.73
N ARG C 471 24.58 12.51 3.68
CA ARG C 471 25.70 12.47 2.73
C ARG C 471 26.97 12.52 3.57
N ILE C 472 28.11 12.12 2.98
CA ILE C 472 29.41 12.18 3.68
C ILE C 472 30.29 12.79 2.61
N GLY C 473 31.00 13.86 2.96
CA GLY C 473 31.84 14.48 1.97
C GLY C 473 33.32 14.44 2.26
N PHE C 474 34.13 14.36 1.20
CA PHE C 474 35.59 14.34 1.30
C PHE C 474 36.15 15.39 0.33
N ALA C 475 37.13 16.15 0.82
CA ALA C 475 37.78 17.19 0.02
C ALA C 475 39.17 17.35 0.60
N LYS C 476 40.14 17.73 -0.24
CA LYS C 476 41.49 17.93 0.24
C LYS C 476 41.38 18.80 1.48
N ALA C 477 42.05 18.38 2.53
CA ALA C 477 42.01 19.13 3.76
C ALA C 477 43.09 20.16 3.61
N ALA C 478 42.93 21.26 4.32
CA ALA C 478 43.89 22.34 4.32
C ALA C 478 45.05 22.01 5.28
#